data_6BNJ
#
_entry.id   6BNJ
#
_cell.length_a   69.620
_cell.length_b   93.942
_cell.length_c   130.020
_cell.angle_alpha   90.00
_cell.angle_beta   90.00
_cell.angle_gamma   90.00
#
_symmetry.space_group_name_H-M   'P 21 21 21'
#
loop_
_entity.id
_entity.type
_entity.pdbx_description
1 polymer 'Hypoxanthine-guanine phosphoribosyltransferase'
2 non-polymer '(3-{(3R,4R)-3-(2-amino-6-oxo-1,6-dihydro-9H-purin-9-yl)-4-[(2R)-2-hydroxy-2-phosphonoethoxy]pyrrolidin-1-yl}-3-oxopropy l)phosphonic acid'
3 non-polymer 'MAGNESIUM ION'
4 water water
#
_entity_poly.entity_id   1
_entity_poly.type   'polypeptide(L)'
_entity_poly.pdbx_seq_one_letter_code
;MATRSPGVVISDDEPGYDLDLFAIPNHYAEDLERVFIPHGLIMDRTERLARDVMKEMGGHHIVALCVLKGGYKFFADLLD
YIKALNRNSDRSIPMTVDFIRLKSYCNDQSTGDIKVIGGDDLSTLTGKNVLIVEDIIDTGKTMQTLLSLVRQYNPKMVKV
ASLLVKRTPRSVGYKPDFVGFEIPDKFVVGYALDYNEYFRDLNHVAVISETGKAKYKA
;
_entity_poly.pdbx_strand_id   A,B,C,D
#
# COMPACT_ATOMS: atom_id res chain seq x y z
N ARG A 4 -14.42 20.35 -18.06
CA ARG A 4 -14.27 19.47 -16.89
C ARG A 4 -14.07 18.00 -17.30
N SER A 5 -13.35 17.24 -16.49
CA SER A 5 -13.22 15.80 -16.76
C SER A 5 -14.57 15.08 -16.60
N PRO A 6 -14.98 14.29 -17.61
CA PRO A 6 -16.20 13.47 -17.48
C PRO A 6 -15.96 12.16 -16.73
N GLY A 7 -14.72 11.93 -16.33
CA GLY A 7 -14.36 10.67 -15.70
C GLY A 7 -13.80 9.68 -16.71
N VAL A 8 -13.37 8.52 -16.21
CA VAL A 8 -12.99 7.41 -17.08
C VAL A 8 -14.26 6.83 -17.69
N VAL A 9 -14.40 6.92 -19.00
CA VAL A 9 -15.60 6.44 -19.63
C VAL A 9 -15.51 4.94 -19.87
N ILE A 10 -16.42 4.20 -19.26
CA ILE A 10 -16.54 2.78 -19.52
C ILE A 10 -17.71 2.52 -20.50
N SER A 11 -17.35 1.92 -21.63
CA SER A 11 -18.28 1.74 -22.74
CA SER A 11 -18.26 1.72 -22.74
C SER A 11 -19.41 0.75 -22.43
N ASP A 12 -20.52 0.89 -23.15
CA ASP A 12 -21.65 -0.03 -23.03
C ASP A 12 -21.25 -1.50 -23.30
N ASP A 13 -20.28 -1.70 -24.20
CA ASP A 13 -19.82 -3.04 -24.61
CA ASP A 13 -19.86 -3.05 -24.58
C ASP A 13 -18.61 -3.55 -23.83
N GLU A 14 -18.16 -2.77 -22.86
CA GLU A 14 -17.02 -3.20 -22.01
C GLU A 14 -17.24 -4.64 -21.49
N PRO A 15 -16.34 -5.56 -21.86
CA PRO A 15 -16.50 -6.97 -21.46
C PRO A 15 -16.14 -7.24 -19.98
N GLY A 16 -15.40 -6.34 -19.34
CA GLY A 16 -14.92 -6.57 -17.99
C GLY A 16 -13.87 -7.65 -18.00
N TYR A 17 -13.55 -8.19 -16.84
CA TYR A 17 -12.53 -9.22 -16.73
C TYR A 17 -13.02 -10.55 -16.15
N ASP A 18 -12.47 -11.63 -16.68
CA ASP A 18 -12.59 -12.97 -16.11
C ASP A 18 -12.26 -13.01 -14.61
N LEU A 19 -13.14 -13.53 -13.76
CA LEU A 19 -12.87 -13.58 -12.33
C LEU A 19 -11.61 -14.38 -12.03
N ASP A 20 -11.34 -15.41 -12.83
CA ASP A 20 -10.18 -16.27 -12.61
C ASP A 20 -8.82 -15.57 -12.73
N LEU A 21 -8.80 -14.33 -13.22
CA LEU A 21 -7.54 -13.60 -13.35
C LEU A 21 -7.20 -12.76 -12.11
N PHE A 22 -8.14 -12.74 -11.17
CA PHE A 22 -8.01 -11.90 -9.97
C PHE A 22 -8.18 -12.69 -8.71
N ALA A 23 -7.82 -12.07 -7.60
CA ALA A 23 -8.08 -12.62 -6.28
C ALA A 23 -9.47 -12.18 -5.88
N ILE A 24 -10.36 -13.16 -5.64
CA ILE A 24 -11.76 -12.93 -5.33
C ILE A 24 -12.12 -13.67 -4.03
N PRO A 25 -12.93 -13.06 -3.16
CA PRO A 25 -13.26 -13.84 -1.93
C PRO A 25 -14.01 -15.14 -2.26
N ASN A 26 -13.62 -16.27 -1.65
CA ASN A 26 -14.22 -17.55 -2.00
CA ASN A 26 -14.23 -17.56 -1.98
C ASN A 26 -15.74 -17.56 -1.83
N HIS A 27 -16.23 -16.77 -0.89
CA HIS A 27 -17.66 -16.84 -0.59
C HIS A 27 -18.52 -16.18 -1.66
N TYR A 28 -17.88 -15.53 -2.65
CA TYR A 28 -18.62 -14.91 -3.74
C TYR A 28 -18.25 -15.51 -5.08
N ALA A 29 -17.48 -16.60 -5.07
CA ALA A 29 -16.94 -17.18 -6.31
C ALA A 29 -18.03 -17.53 -7.32
N GLU A 30 -19.21 -17.94 -6.86
CA GLU A 30 -20.29 -18.29 -7.80
CA GLU A 30 -20.30 -18.30 -7.78
C GLU A 30 -21.27 -17.12 -8.02
N ASP A 31 -21.08 -16.05 -7.27
CA ASP A 31 -22.07 -14.99 -7.19
C ASP A 31 -21.77 -13.78 -8.05
N LEU A 32 -20.61 -13.80 -8.70
CA LEU A 32 -20.17 -12.69 -9.55
C LEU A 32 -19.97 -13.20 -10.97
N GLU A 33 -20.24 -12.33 -11.94
CA GLU A 33 -20.15 -12.70 -13.35
C GLU A 33 -18.77 -12.33 -13.90
N ARG A 34 -18.39 -11.09 -13.65
CA ARG A 34 -17.14 -10.53 -14.16
CA ARG A 34 -17.11 -10.59 -14.11
C ARG A 34 -16.65 -9.45 -13.23
N VAL A 35 -15.37 -9.18 -13.27
CA VAL A 35 -14.86 -7.98 -12.62
C VAL A 35 -15.07 -6.82 -13.60
N PHE A 36 -15.60 -5.70 -13.13
CA PHE A 36 -16.03 -4.62 -14.03
C PHE A 36 -15.01 -3.46 -13.95
N ILE A 37 -14.67 -3.09 -12.73
CA ILE A 37 -13.59 -2.14 -12.53
C ILE A 37 -12.68 -2.69 -11.46
N PRO A 38 -11.44 -3.11 -11.83
CA PRO A 38 -10.50 -3.57 -10.81
C PRO A 38 -10.22 -2.55 -9.72
N HIS A 39 -10.07 -3.06 -8.52
CA HIS A 39 -9.78 -2.21 -7.35
C HIS A 39 -8.58 -1.28 -7.62
N GLY A 40 -7.51 -1.80 -8.24
CA GLY A 40 -6.34 -0.96 -8.46
C GLY A 40 -6.61 0.24 -9.37
N LEU A 41 -7.47 0.04 -10.36
CA LEU A 41 -7.84 1.12 -11.28
C LEU A 41 -8.65 2.19 -10.54
N ILE A 42 -9.52 1.74 -9.65
CA ILE A 42 -10.23 2.64 -8.78
C ILE A 42 -9.23 3.50 -7.98
N MET A 43 -8.18 2.86 -7.44
CA MET A 43 -7.17 3.61 -6.67
C MET A 43 -6.45 4.65 -7.54
N ASP A 44 -5.98 4.22 -8.72
CA ASP A 44 -5.31 5.13 -9.65
C ASP A 44 -6.17 6.33 -10.00
N ARG A 45 -7.45 6.09 -10.29
CA ARG A 45 -8.32 7.21 -10.61
C ARG A 45 -8.54 8.09 -9.39
N THR A 46 -8.71 7.47 -8.21
CA THR A 46 -8.97 8.24 -7.01
C THR A 46 -7.79 9.13 -6.66
N GLU A 47 -6.57 8.62 -6.89
CA GLU A 47 -5.37 9.41 -6.66
C GLU A 47 -5.41 10.70 -7.50
N ARG A 48 -5.81 10.57 -8.76
CA ARG A 48 -5.92 11.78 -9.58
C ARG A 48 -7.05 12.72 -9.05
N LEU A 49 -8.21 12.16 -8.68
CA LEU A 49 -9.30 12.99 -8.15
C LEU A 49 -8.87 13.75 -6.90
N ALA A 50 -8.08 13.13 -6.02
CA ALA A 50 -7.62 13.83 -4.82
C ALA A 50 -6.83 15.07 -5.22
N ARG A 51 -6.00 14.95 -6.26
CA ARG A 51 -5.25 16.11 -6.65
C ARG A 51 -6.19 17.18 -7.25
N ASP A 52 -7.18 16.77 -8.04
CA ASP A 52 -8.14 17.75 -8.60
C ASP A 52 -8.90 18.47 -7.47
N VAL A 53 -9.28 17.71 -6.46
CA VAL A 53 -10.02 18.26 -5.32
C VAL A 53 -9.17 19.31 -4.56
N MET A 54 -7.91 18.98 -4.29
CA MET A 54 -6.99 19.88 -3.58
CA MET A 54 -7.08 19.92 -3.54
C MET A 54 -6.74 21.16 -4.37
N LYS A 55 -6.56 21.02 -5.67
CA LYS A 55 -6.37 22.20 -6.49
C LYS A 55 -7.59 23.13 -6.48
N GLU A 56 -8.79 22.55 -6.47
CA GLU A 56 -10.00 23.35 -6.57
C GLU A 56 -10.50 23.86 -5.19
N MET A 57 -10.26 23.10 -4.13
CA MET A 57 -10.90 23.36 -2.82
C MET A 57 -9.90 23.67 -1.71
N GLY A 58 -8.62 23.54 -2.02
CA GLY A 58 -7.59 23.55 -1.00
C GLY A 58 -7.20 24.92 -0.49
N GLY A 59 -7.95 25.96 -0.86
CA GLY A 59 -7.75 27.31 -0.35
C GLY A 59 -8.39 27.63 0.99
N HIS A 60 -9.35 26.82 1.44
CA HIS A 60 -10.08 27.08 2.69
CA HIS A 60 -10.04 27.08 2.71
C HIS A 60 -10.40 25.74 3.38
N HIS A 61 -10.52 25.74 4.69
CA HIS A 61 -10.89 24.52 5.41
C HIS A 61 -11.98 23.70 4.69
N ILE A 62 -11.75 22.40 4.55
CA ILE A 62 -12.68 21.50 3.91
C ILE A 62 -13.42 20.64 4.92
N VAL A 63 -14.75 20.53 4.79
CA VAL A 63 -15.48 19.49 5.50
C VAL A 63 -15.83 18.38 4.51
N ALA A 64 -15.30 17.18 4.70
CA ALA A 64 -15.63 16.07 3.81
C ALA A 64 -16.83 15.30 4.40
N LEU A 65 -17.91 15.24 3.61
CA LEU A 65 -19.15 14.64 4.06
C LEU A 65 -19.40 13.29 3.32
N CYS A 66 -19.32 12.20 4.05
CA CYS A 66 -19.48 10.84 3.51
C CYS A 66 -20.94 10.46 3.48
N VAL A 67 -21.46 10.14 2.30
CA VAL A 67 -22.82 9.58 2.22
C VAL A 67 -22.83 8.05 2.41
N LEU A 68 -23.26 7.64 3.60
CA LEU A 68 -23.30 6.21 4.00
C LEU A 68 -24.50 5.50 3.37
N LYS A 69 -24.42 4.17 3.19
CA LYS A 69 -23.24 3.37 3.53
C LYS A 69 -22.26 3.31 2.39
N GLY A 70 -22.81 3.34 1.19
CA GLY A 70 -22.08 3.08 -0.01
C GLY A 70 -20.88 3.98 -0.28
N GLY A 71 -20.89 5.22 0.18
CA GLY A 71 -19.70 6.07 -0.09
C GLY A 71 -18.50 5.78 0.81
N TYR A 72 -18.64 4.88 1.77
CA TYR A 72 -17.62 4.81 2.84
C TYR A 72 -16.20 4.39 2.31
N LYS A 73 -16.09 3.45 1.34
CA LYS A 73 -14.76 3.03 0.84
C LYS A 73 -14.09 4.12 0.00
N PHE A 74 -14.85 4.64 -0.97
CA PHE A 74 -14.41 5.78 -1.77
C PHE A 74 -13.97 6.97 -0.87
N PHE A 75 -14.77 7.28 0.15
CA PHE A 75 -14.49 8.35 1.09
C PHE A 75 -13.13 8.13 1.80
N ALA A 76 -12.98 6.95 2.38
CA ALA A 76 -11.77 6.63 3.15
C ALA A 76 -10.53 6.73 2.22
N ASP A 77 -10.61 6.12 1.04
CA ASP A 77 -9.46 6.14 0.10
C ASP A 77 -9.19 7.54 -0.46
N LEU A 78 -10.26 8.26 -0.81
CA LEU A 78 -10.06 9.58 -1.36
C LEU A 78 -9.40 10.49 -0.29
N LEU A 79 -9.89 10.42 0.95
CA LEU A 79 -9.29 11.22 2.01
C LEU A 79 -7.84 10.78 2.30
N ASP A 80 -7.53 9.48 2.18
CA ASP A 80 -6.15 9.01 2.34
C ASP A 80 -5.24 9.67 1.29
N TYR A 81 -5.71 9.77 0.05
CA TYR A 81 -4.87 10.39 -0.98
C TYR A 81 -4.76 11.90 -0.75
N ILE A 82 -5.85 12.53 -0.31
CA ILE A 82 -5.73 13.95 0.03
C ILE A 82 -4.79 14.18 1.23
N LYS A 83 -4.85 13.33 2.25
CA LYS A 83 -3.88 13.44 3.36
C LYS A 83 -2.41 13.29 2.87
N ALA A 84 -2.18 12.34 1.95
CA ALA A 84 -0.85 12.14 1.36
C ALA A 84 -0.36 13.42 0.69
N LEU A 85 -1.24 14.07 -0.07
CA LEU A 85 -0.91 15.38 -0.65
C LEU A 85 -0.62 16.42 0.40
N ASN A 86 -1.45 16.47 1.44
CA ASN A 86 -1.30 17.48 2.47
C ASN A 86 -0.04 17.34 3.36
N ARG A 87 0.55 16.16 3.46
CA ARG A 87 1.75 16.04 4.31
C ARG A 87 3.01 16.00 3.45
N ASN A 88 2.86 16.07 2.14
CA ASN A 88 4.03 16.11 1.28
C ASN A 88 4.15 17.37 0.42
N SER A 89 3.34 18.37 0.73
CA SER A 89 3.36 19.64 0.04
C SER A 89 3.59 20.81 1.00
N ASP A 90 3.96 21.94 0.40
CA ASP A 90 3.97 23.23 1.07
CA ASP A 90 3.98 23.21 1.11
C ASP A 90 2.55 23.68 1.35
N ARG A 91 1.66 23.38 0.39
CA ARG A 91 0.27 23.79 0.49
C ARG A 91 -0.56 22.68 1.15
N SER A 92 -1.24 23.09 2.24
CA SER A 92 -2.09 22.20 3.01
CA SER A 92 -2.12 22.19 2.98
C SER A 92 -3.21 23.00 3.66
N ILE A 93 -4.27 22.32 4.05
CA ILE A 93 -5.46 22.96 4.60
CA ILE A 93 -5.40 22.97 4.69
C ILE A 93 -6.09 21.97 5.57
N PRO A 94 -6.59 22.46 6.70
CA PRO A 94 -7.31 21.55 7.59
C PRO A 94 -8.51 20.89 6.92
N MET A 95 -8.76 19.66 7.29
CA MET A 95 -9.94 18.96 6.84
C MET A 95 -10.66 18.36 8.05
N THR A 96 -11.98 18.53 8.13
CA THR A 96 -12.79 17.80 9.12
C THR A 96 -13.75 16.87 8.37
N VAL A 97 -14.37 15.93 9.08
CA VAL A 97 -15.23 14.95 8.40
C VAL A 97 -16.57 14.82 9.09
N ASP A 98 -17.59 14.43 8.31
CA ASP A 98 -18.86 14.09 8.91
C ASP A 98 -19.52 13.04 8.04
N PHE A 99 -20.61 12.47 8.55
CA PHE A 99 -21.26 11.36 7.89
C PHE A 99 -22.74 11.65 7.84
N ILE A 100 -23.40 11.22 6.79
CA ILE A 100 -24.85 11.32 6.72
CA ILE A 100 -24.85 11.34 6.69
C ILE A 100 -25.37 10.10 6.00
N ARG A 101 -26.55 9.64 6.38
CA ARG A 101 -27.06 8.44 5.75
C ARG A 101 -28.37 8.76 5.11
N LEU A 102 -28.54 8.32 3.86
CA LEU A 102 -29.80 8.50 3.13
C LEU A 102 -30.41 7.14 2.90
N ASP A 121 -27.07 17.28 13.34
CA ASP A 121 -27.03 18.62 12.77
C ASP A 121 -25.74 18.84 11.99
N LEU A 122 -25.79 19.72 11.02
CA LEU A 122 -24.66 19.89 10.12
C LEU A 122 -23.98 21.27 10.30
N SER A 123 -23.97 21.75 11.54
CA SER A 123 -23.21 22.93 11.90
C SER A 123 -21.75 22.75 11.51
N THR A 124 -21.34 21.49 11.38
CA THR A 124 -20.01 21.16 10.88
C THR A 124 -19.72 21.76 9.47
N LEU A 125 -20.74 22.29 8.79
CA LEU A 125 -20.60 22.68 7.36
C LEU A 125 -20.41 24.20 7.11
N THR A 126 -21.02 24.99 7.98
CA THR A 126 -21.09 26.44 7.86
C THR A 126 -19.74 27.17 7.65
N GLY A 127 -19.67 28.00 6.60
CA GLY A 127 -18.46 28.76 6.29
C GLY A 127 -17.30 27.89 5.80
N LYS A 128 -17.56 26.61 5.51
CA LYS A 128 -16.45 25.78 5.06
C LYS A 128 -16.67 25.28 3.63
N ASN A 129 -15.59 24.81 3.02
CA ASN A 129 -15.68 24.19 1.71
C ASN A 129 -16.18 22.77 1.90
N VAL A 130 -17.44 22.52 1.53
CA VAL A 130 -18.03 21.19 1.72
C VAL A 130 -17.83 20.27 0.52
N LEU A 131 -17.19 19.14 0.78
CA LEU A 131 -17.02 18.12 -0.23
C LEU A 131 -17.91 16.93 0.10
N ILE A 132 -18.92 16.72 -0.71
CA ILE A 132 -19.80 15.59 -0.53
C ILE A 132 -19.26 14.38 -1.30
N VAL A 133 -19.20 13.24 -0.63
CA VAL A 133 -18.60 12.03 -1.26
C VAL A 133 -19.60 10.89 -1.38
N GLU A 134 -19.85 10.50 -2.62
CA GLU A 134 -20.87 9.51 -2.94
C GLU A 134 -20.31 8.30 -3.74
N ASP A 135 -20.93 7.13 -3.60
CA ASP A 135 -20.56 5.98 -4.42
C ASP A 135 -21.07 6.15 -5.87
N ILE A 136 -22.33 6.55 -6.06
CA ILE A 136 -22.88 6.54 -7.42
C ILE A 136 -24.03 7.54 -7.60
N ILE A 137 -24.01 8.21 -8.74
CA ILE A 137 -25.10 9.03 -9.21
C ILE A 137 -25.81 8.30 -10.36
N ASP A 138 -27.11 8.05 -10.18
CA ASP A 138 -27.92 7.36 -11.18
C ASP A 138 -28.90 8.38 -11.79
N THR A 139 -30.05 8.60 -11.16
CA THR A 139 -30.95 9.65 -11.61
C THR A 139 -30.44 11.06 -11.24
N GLY A 140 -29.61 11.16 -10.22
CA GLY A 140 -29.21 12.44 -9.67
C GLY A 140 -30.24 13.05 -8.69
N LYS A 141 -31.39 12.41 -8.48
CA LYS A 141 -32.38 13.00 -7.59
C LYS A 141 -31.95 13.02 -6.14
N THR A 142 -31.28 11.97 -5.69
CA THR A 142 -30.78 11.91 -4.30
C THR A 142 -29.83 13.06 -4.05
N MET A 143 -28.90 13.26 -4.99
CA MET A 143 -27.93 14.33 -4.81
C MET A 143 -28.57 15.71 -4.89
N GLN A 144 -29.54 15.93 -5.77
CA GLN A 144 -30.19 17.25 -5.76
C GLN A 144 -30.89 17.51 -4.43
N THR A 145 -31.53 16.48 -3.88
CA THR A 145 -32.20 16.61 -2.57
C THR A 145 -31.20 16.90 -1.43
N LEU A 146 -30.10 16.15 -1.46
CA LEU A 146 -29.00 16.35 -0.53
C LEU A 146 -28.43 17.75 -0.64
N LEU A 147 -28.14 18.20 -1.86
CA LEU A 147 -27.61 19.55 -2.08
C LEU A 147 -28.57 20.64 -1.53
N SER A 148 -29.87 20.47 -1.75
CA SER A 148 -30.84 21.41 -1.21
C SER A 148 -30.81 21.51 0.33
N LEU A 149 -30.65 20.38 1.01
CA LEU A 149 -30.48 20.38 2.45
C LEU A 149 -29.16 21.06 2.90
N VAL A 150 -28.04 20.66 2.32
CA VAL A 150 -26.75 21.21 2.72
C VAL A 150 -26.67 22.75 2.59
N ARG A 151 -27.29 23.29 1.53
CA ARG A 151 -27.23 24.73 1.25
CA ARG A 151 -27.18 24.73 1.28
C ARG A 151 -27.76 25.53 2.46
N GLN A 152 -28.65 24.90 3.21
CA GLN A 152 -29.31 25.60 4.33
C GLN A 152 -28.37 25.87 5.50
N TYR A 153 -27.20 25.25 5.50
CA TYR A 153 -26.21 25.37 6.58
C TYR A 153 -25.15 26.41 6.26
N ASN A 154 -25.40 27.20 5.21
CA ASN A 154 -24.53 28.32 4.81
C ASN A 154 -23.08 27.92 4.59
N PRO A 155 -22.85 26.89 3.74
CA PRO A 155 -21.47 26.56 3.48
C PRO A 155 -20.86 27.64 2.59
N LYS A 156 -19.54 27.77 2.62
CA LYS A 156 -18.82 28.69 1.73
C LYS A 156 -18.88 28.16 0.28
N MET A 157 -18.75 26.84 0.12
CA MET A 157 -18.71 26.18 -1.19
C MET A 157 -19.27 24.77 -1.00
N VAL A 158 -19.97 24.22 -1.99
CA VAL A 158 -20.27 22.78 -1.99
C VAL A 158 -19.88 22.15 -3.33
N LYS A 159 -19.15 21.04 -3.27
CA LYS A 159 -18.81 20.28 -4.45
C LYS A 159 -19.10 18.83 -4.14
N VAL A 160 -19.26 18.04 -5.20
CA VAL A 160 -19.63 16.64 -5.05
C VAL A 160 -18.67 15.75 -5.82
N ALA A 161 -18.11 14.74 -5.15
CA ALA A 161 -17.30 13.74 -5.81
C ALA A 161 -18.09 12.42 -5.78
N SER A 162 -18.26 11.79 -6.94
CA SER A 162 -18.92 10.52 -7.02
C SER A 162 -18.04 9.54 -7.76
N LEU A 163 -17.86 8.36 -7.16
CA LEU A 163 -16.98 7.36 -7.75
C LEU A 163 -17.50 7.03 -9.16
N LEU A 164 -18.82 6.82 -9.23
CA LEU A 164 -19.51 6.36 -10.44
C LEU A 164 -20.63 7.31 -10.82
N VAL A 165 -20.81 7.50 -12.13
CA VAL A 165 -21.98 8.16 -12.70
C VAL A 165 -22.51 7.29 -13.84
N LYS A 166 -23.80 6.95 -13.76
CA LYS A 166 -24.40 6.17 -14.84
C LYS A 166 -24.82 7.06 -16.00
N ARG A 167 -24.60 6.55 -17.21
CA ARG A 167 -25.28 7.06 -18.40
C ARG A 167 -26.72 6.55 -18.46
N THR A 168 -27.70 7.43 -18.32
CA THR A 168 -29.08 6.99 -18.28
C THR A 168 -30.08 8.09 -18.64
N PRO A 169 -31.09 7.74 -19.44
CA PRO A 169 -32.13 8.70 -19.81
C PRO A 169 -33.05 9.00 -18.62
N ARG A 170 -32.87 8.29 -17.51
CA ARG A 170 -33.64 8.59 -16.30
C ARG A 170 -32.99 9.72 -15.49
N SER A 171 -31.82 10.15 -15.92
CA SER A 171 -31.05 11.20 -15.25
C SER A 171 -31.85 12.51 -15.29
N VAL A 172 -31.74 13.31 -14.23
CA VAL A 172 -32.39 14.63 -14.24
C VAL A 172 -31.38 15.71 -14.55
N GLY A 173 -30.21 15.31 -15.04
CA GLY A 173 -29.24 16.30 -15.50
C GLY A 173 -28.19 16.72 -14.48
N TYR A 174 -28.22 16.15 -13.28
CA TYR A 174 -27.25 16.54 -12.28
C TYR A 174 -25.86 15.95 -12.57
N LYS A 175 -24.83 16.78 -12.56
CA LYS A 175 -23.49 16.23 -12.78
C LYS A 175 -22.56 16.64 -11.64
N PRO A 176 -21.87 15.65 -11.10
CA PRO A 176 -20.99 15.96 -9.96
C PRO A 176 -19.76 16.74 -10.44
N ASP A 177 -19.16 17.46 -9.52
CA ASP A 177 -17.94 18.18 -9.80
C ASP A 177 -16.72 17.29 -10.08
N PHE A 178 -16.67 16.13 -9.42
CA PHE A 178 -15.55 15.19 -9.59
C PHE A 178 -16.17 13.83 -9.86
N VAL A 179 -15.70 13.16 -10.90
CA VAL A 179 -16.26 11.86 -11.27
C VAL A 179 -15.16 10.84 -11.48
N GLY A 180 -15.26 9.67 -10.86
CA GLY A 180 -14.27 8.61 -11.10
C GLY A 180 -14.49 7.94 -12.46
N PHE A 181 -15.68 7.32 -12.64
CA PHE A 181 -15.96 6.54 -13.85
C PHE A 181 -17.40 6.84 -14.31
N GLU A 182 -17.57 7.00 -15.63
CA GLU A 182 -18.90 7.11 -16.22
C GLU A 182 -19.21 5.74 -16.81
N ILE A 183 -20.25 5.10 -16.30
CA ILE A 183 -20.54 3.70 -16.62
C ILE A 183 -21.91 3.51 -17.34
N PRO A 184 -22.08 2.35 -17.99
CA PRO A 184 -23.36 2.02 -18.62
C PRO A 184 -24.47 1.84 -17.58
N ASP A 185 -25.73 1.87 -18.01
CA ASP A 185 -26.92 1.66 -17.17
C ASP A 185 -27.03 0.18 -16.80
N LYS A 186 -26.13 -0.27 -15.94
CA LYS A 186 -25.98 -1.67 -15.48
C LYS A 186 -25.87 -1.68 -13.96
N PHE A 187 -26.35 -2.73 -13.30
CA PHE A 187 -26.25 -2.82 -11.86
C PHE A 187 -24.89 -3.36 -11.44
N VAL A 188 -24.14 -2.57 -10.67
CA VAL A 188 -22.84 -3.01 -10.26
C VAL A 188 -22.81 -3.15 -8.74
N VAL A 189 -21.87 -3.97 -8.27
CA VAL A 189 -21.65 -4.15 -6.84
C VAL A 189 -20.15 -4.09 -6.53
N GLY A 190 -19.82 -4.08 -5.24
CA GLY A 190 -18.41 -4.03 -4.83
C GLY A 190 -17.95 -2.63 -4.44
N TYR A 191 -16.81 -2.59 -3.75
CA TYR A 191 -16.17 -1.37 -3.32
C TYR A 191 -17.23 -0.55 -2.55
N ALA A 192 -17.95 -1.29 -1.70
CA ALA A 192 -19.01 -0.80 -0.81
C ALA A 192 -20.40 -0.65 -1.46
N LEU A 193 -20.50 -0.81 -2.78
CA LEU A 193 -21.80 -0.88 -3.48
C LEU A 193 -22.44 -2.24 -3.22
N ASP A 194 -23.65 -2.24 -2.70
CA ASP A 194 -24.23 -3.49 -2.28
C ASP A 194 -25.38 -3.97 -3.15
N TYR A 195 -25.71 -5.24 -2.96
CA TYR A 195 -26.97 -5.82 -3.36
C TYR A 195 -27.60 -6.44 -2.10
N ASN A 196 -28.68 -5.85 -1.63
CA ASN A 196 -29.26 -6.23 -0.35
C ASN A 196 -28.23 -6.44 0.75
N GLU A 197 -27.28 -5.49 0.82
CA GLU A 197 -26.24 -5.37 1.87
C GLU A 197 -25.03 -6.28 1.63
N TYR A 198 -25.15 -7.23 0.70
CA TYR A 198 -23.99 -8.04 0.30
C TYR A 198 -23.08 -7.32 -0.68
N PHE A 199 -21.86 -7.85 -0.82
CA PHE A 199 -20.84 -7.40 -1.78
C PHE A 199 -20.20 -6.08 -1.36
N ARG A 200 -20.49 -5.55 -0.16
CA ARG A 200 -19.71 -4.42 0.29
C ARG A 200 -18.30 -4.86 0.65
N ASP A 201 -18.13 -6.11 1.06
CA ASP A 201 -16.84 -6.68 1.44
C ASP A 201 -16.06 -7.26 0.23
N LEU A 202 -15.91 -6.45 -0.81
CA LEU A 202 -15.35 -6.87 -2.09
C LEU A 202 -14.57 -5.66 -2.56
N ASN A 203 -13.29 -5.82 -2.95
CA ASN A 203 -12.46 -4.67 -3.31
CA ASN A 203 -12.46 -4.67 -3.29
C ASN A 203 -12.77 -4.15 -4.71
N HIS A 204 -13.13 -5.06 -5.61
CA HIS A 204 -13.38 -4.67 -7.01
C HIS A 204 -14.83 -4.23 -7.22
N VAL A 205 -15.10 -3.44 -8.27
CA VAL A 205 -16.48 -3.32 -8.74
C VAL A 205 -16.72 -4.43 -9.76
N ALA A 206 -17.90 -5.06 -9.65
CA ALA A 206 -18.20 -6.28 -10.37
C ALA A 206 -19.68 -6.29 -10.77
N VAL A 207 -19.99 -7.22 -11.66
CA VAL A 207 -21.34 -7.53 -12.10
C VAL A 207 -21.75 -8.87 -11.50
N ILE A 208 -22.98 -8.93 -11.03
CA ILE A 208 -23.45 -10.06 -10.25
C ILE A 208 -23.87 -11.18 -11.21
N SER A 209 -23.70 -12.44 -10.81
CA SER A 209 -24.15 -13.58 -11.65
C SER A 209 -25.61 -13.90 -11.39
N GLU A 210 -26.17 -14.75 -12.24
CA GLU A 210 -27.53 -15.23 -12.00
C GLU A 210 -27.65 -15.92 -10.64
N THR A 211 -26.65 -16.72 -10.28
CA THR A 211 -26.67 -17.40 -8.99
C THR A 211 -26.70 -16.35 -7.86
N GLY A 212 -25.86 -15.33 -7.98
CA GLY A 212 -25.75 -14.31 -6.93
C GLY A 212 -27.03 -13.52 -6.73
N LYS A 213 -27.66 -13.18 -7.86
CA LYS A 213 -28.93 -12.44 -7.82
C LYS A 213 -30.03 -13.18 -7.08
N ALA A 214 -30.16 -14.48 -7.34
CA ALA A 214 -31.12 -15.32 -6.63
C ALA A 214 -30.69 -15.58 -5.17
N LYS A 215 -29.41 -15.82 -4.95
CA LYS A 215 -28.97 -16.20 -3.61
C LYS A 215 -29.21 -15.09 -2.58
N TYR A 216 -28.92 -13.84 -2.96
CA TYR A 216 -28.95 -12.75 -1.98
C TYR A 216 -30.19 -11.91 -2.18
N LYS A 217 -31.15 -12.44 -2.93
CA LYS A 217 -32.37 -11.67 -3.23
C LYS A 217 -33.16 -11.38 -1.96
N ALA A 218 -33.71 -10.18 -1.84
CA ALA A 218 -34.46 -9.79 -0.65
C ALA A 218 -35.95 -10.14 -0.74
N ARG B 4 -2.23 -22.65 -16.50
CA ARG B 4 -2.98 -22.75 -17.76
C ARG B 4 -3.48 -21.38 -18.25
N SER B 5 -3.43 -20.36 -17.40
CA SER B 5 -3.95 -19.03 -17.74
C SER B 5 -3.01 -18.29 -18.73
N PRO B 6 -3.54 -17.79 -19.86
CA PRO B 6 -2.73 -16.96 -20.78
C PRO B 6 -2.53 -15.52 -20.24
N GLY B 7 -3.14 -15.22 -19.11
CA GLY B 7 -3.04 -13.89 -18.52
C GLY B 7 -4.20 -13.00 -18.96
N VAL B 8 -4.18 -11.75 -18.48
CA VAL B 8 -5.15 -10.74 -18.89
C VAL B 8 -4.89 -10.36 -20.33
N VAL B 9 -5.84 -10.67 -21.22
CA VAL B 9 -5.60 -10.45 -22.65
C VAL B 9 -5.97 -9.03 -22.99
N ILE B 10 -4.99 -8.26 -23.45
CA ILE B 10 -5.28 -6.91 -23.89
C ILE B 10 -5.33 -6.92 -25.43
N SER B 11 -6.46 -6.50 -25.98
CA SER B 11 -6.65 -6.77 -27.40
C SER B 11 -5.93 -5.75 -28.32
N ASP B 12 -5.85 -6.04 -29.63
CA ASP B 12 -5.10 -5.21 -30.55
C ASP B 12 -5.65 -3.79 -30.65
N ASP B 13 -6.96 -3.63 -30.49
CA ASP B 13 -7.59 -2.34 -30.68
CA ASP B 13 -7.52 -2.31 -30.70
C ASP B 13 -7.83 -1.60 -29.38
N GLU B 14 -7.30 -2.09 -28.27
CA GLU B 14 -7.60 -1.41 -27.05
CA GLU B 14 -7.51 -1.44 -26.98
C GLU B 14 -6.95 -0.02 -27.07
N PRO B 15 -7.76 1.00 -26.75
CA PRO B 15 -7.37 2.41 -26.89
C PRO B 15 -6.53 2.93 -25.71
N GLY B 16 -6.50 2.23 -24.57
CA GLY B 16 -5.79 2.73 -23.42
C GLY B 16 -6.56 3.90 -22.81
N TYR B 17 -5.91 4.68 -21.96
CA TYR B 17 -6.60 5.76 -21.27
C TYR B 17 -5.92 7.10 -21.47
N ASP B 18 -6.74 8.16 -21.60
CA ASP B 18 -6.29 9.54 -21.62
C ASP B 18 -5.37 9.79 -20.42
N LEU B 19 -4.19 10.36 -20.67
CA LEU B 19 -3.25 10.66 -19.61
C LEU B 19 -3.88 11.55 -18.57
N ASP B 20 -4.79 12.45 -19.01
CA ASP B 20 -5.33 13.46 -18.11
C ASP B 20 -6.23 12.82 -17.02
N LEU B 21 -6.55 11.53 -17.14
CA LEU B 21 -7.36 10.84 -16.15
C LEU B 21 -6.56 10.28 -14.95
N PHE B 22 -5.23 10.30 -15.06
CA PHE B 22 -4.35 9.75 -14.03
C PHE B 22 -3.33 10.79 -13.51
N ALA B 23 -2.67 10.43 -12.44
CA ALA B 23 -1.50 11.16 -12.02
C ALA B 23 -0.25 10.66 -12.80
N ILE B 24 0.38 11.58 -13.52
CA ILE B 24 1.53 11.32 -14.37
C ILE B 24 2.65 12.31 -13.98
N PRO B 25 3.87 11.85 -13.85
CA PRO B 25 4.99 12.80 -13.68
C PRO B 25 5.03 13.87 -14.79
N ASN B 26 5.15 15.16 -14.44
CA ASN B 26 5.10 16.23 -15.43
CA ASN B 26 5.08 16.19 -15.47
C ASN B 26 6.23 16.09 -16.46
N HIS B 27 7.37 15.53 -16.05
CA HIS B 27 8.49 15.49 -17.00
C HIS B 27 8.20 14.52 -18.17
N TYR B 28 7.14 13.71 -18.07
CA TYR B 28 6.77 12.79 -19.18
C TYR B 28 5.44 13.17 -19.85
N ALA B 29 4.91 14.36 -19.55
CA ALA B 29 3.57 14.73 -20.03
C ALA B 29 3.40 14.69 -21.57
N GLU B 30 4.40 15.20 -22.31
CA GLU B 30 4.37 15.22 -23.78
C GLU B 30 4.90 13.93 -24.43
N ASP B 31 5.46 13.06 -23.60
CA ASP B 31 6.27 11.94 -24.05
C ASP B 31 5.49 10.65 -24.14
N LEU B 32 4.29 10.64 -23.59
CA LEU B 32 3.45 9.45 -23.54
C LEU B 32 2.17 9.70 -24.36
N GLU B 33 1.68 8.67 -25.04
CA GLU B 33 0.50 8.81 -25.84
C GLU B 33 -0.76 8.54 -24.98
N ARG B 34 -0.75 7.40 -24.27
CA ARG B 34 -1.88 6.87 -23.48
C ARG B 34 -1.32 6.02 -22.34
N VAL B 35 -2.09 5.91 -21.25
CA VAL B 35 -1.87 4.87 -20.25
C VAL B 35 -2.43 3.56 -20.81
N PHE B 36 -1.60 2.51 -20.81
CA PHE B 36 -1.96 1.25 -21.44
C PHE B 36 -2.45 0.27 -20.37
N ILE B 37 -1.70 0.12 -19.28
CA ILE B 37 -2.11 -0.70 -18.15
C ILE B 37 -1.85 0.08 -16.88
N PRO B 38 -2.92 0.54 -16.23
CA PRO B 38 -2.80 1.29 -14.97
C PRO B 38 -2.04 0.52 -13.89
N HIS B 39 -1.22 1.21 -13.14
CA HIS B 39 -0.45 0.58 -12.08
C HIS B 39 -1.29 -0.33 -11.17
N GLY B 40 -2.49 0.12 -10.82
CA GLY B 40 -3.30 -0.62 -9.86
C GLY B 40 -3.79 -1.95 -10.43
N LEU B 41 -4.04 -1.95 -11.73
CA LEU B 41 -4.43 -3.18 -12.40
C LEU B 41 -3.24 -4.16 -12.41
N ILE B 42 -2.05 -3.64 -12.61
CA ILE B 42 -0.85 -4.48 -12.50
C ILE B 42 -0.79 -5.11 -11.10
N MET B 43 -1.04 -4.27 -10.08
CA MET B 43 -1.03 -4.77 -8.69
C MET B 43 -2.07 -5.88 -8.50
N ASP B 44 -3.30 -5.65 -8.95
CA ASP B 44 -4.36 -6.64 -8.75
C ASP B 44 -3.99 -7.95 -9.44
N ARG B 45 -3.45 -7.83 -10.66
CA ARG B 45 -3.09 -9.06 -11.39
C ARG B 45 -1.94 -9.77 -10.67
N THR B 46 -0.96 -8.99 -10.23
CA THR B 46 0.22 -9.53 -9.51
C THR B 46 -0.19 -10.21 -8.20
N GLU B 47 -1.20 -9.68 -7.51
CA GLU B 47 -1.68 -10.38 -6.32
C GLU B 47 -2.12 -11.82 -6.64
N ARG B 48 -2.89 -11.97 -7.72
CA ARG B 48 -3.39 -13.28 -8.08
C ARG B 48 -2.22 -14.19 -8.50
N LEU B 49 -1.27 -13.62 -9.25
CA LEU B 49 -0.09 -14.41 -9.65
C LEU B 49 0.67 -14.92 -8.45
N ALA B 50 0.82 -14.09 -7.43
CA ALA B 50 1.56 -14.56 -6.24
C ALA B 50 0.89 -15.82 -5.66
N ARG B 51 -0.44 -15.83 -5.65
CA ARG B 51 -1.14 -17.00 -5.12
C ARG B 51 -0.97 -18.22 -6.05
N ASP B 52 -1.03 -18.01 -7.36
CA ASP B 52 -0.74 -19.08 -8.33
C ASP B 52 0.67 -19.66 -8.11
N VAL B 53 1.63 -18.77 -7.93
CA VAL B 53 3.01 -19.18 -7.70
C VAL B 53 3.12 -20.05 -6.43
N MET B 54 2.53 -19.59 -5.33
CA MET B 54 2.57 -20.38 -4.09
C MET B 54 1.86 -21.70 -4.21
N LYS B 55 0.81 -21.74 -5.02
CA LYS B 55 0.10 -23.00 -5.25
C LYS B 55 0.98 -24.03 -5.98
N GLU B 56 1.82 -23.58 -6.91
CA GLU B 56 2.60 -24.48 -7.76
C GLU B 56 4.00 -24.71 -7.16
N MET B 57 4.53 -23.74 -6.43
CA MET B 57 5.94 -23.76 -6.04
C MET B 57 6.16 -23.79 -4.54
N GLY B 58 5.10 -23.67 -3.76
CA GLY B 58 5.26 -23.46 -2.34
C GLY B 58 5.66 -24.65 -1.50
N GLY B 59 5.86 -25.81 -2.12
CA GLY B 59 6.24 -27.01 -1.37
C GLY B 59 7.70 -27.13 -0.96
N HIS B 60 8.55 -26.28 -1.51
CA HIS B 60 10.00 -26.39 -1.32
CA HIS B 60 9.98 -26.39 -1.28
C HIS B 60 10.62 -25.00 -1.41
N HIS B 61 11.79 -24.84 -0.78
CA HIS B 61 12.52 -23.57 -0.80
C HIS B 61 12.57 -23.00 -2.22
N ILE B 62 12.15 -21.75 -2.36
CA ILE B 62 12.19 -21.02 -3.63
CA ILE B 62 12.20 -21.05 -3.65
C ILE B 62 13.40 -20.12 -3.74
N VAL B 63 14.12 -20.17 -4.87
CA VAL B 63 15.12 -19.14 -5.16
C VAL B 63 14.47 -18.24 -6.21
N ALA B 64 14.27 -16.97 -5.91
CA ALA B 64 13.61 -16.07 -6.83
C ALA B 64 14.68 -15.23 -7.53
N LEU B 65 14.73 -15.30 -8.85
CA LEU B 65 15.80 -14.71 -9.66
CA LEU B 65 15.80 -14.62 -9.60
C LEU B 65 15.25 -13.51 -10.43
N CYS B 66 15.71 -12.32 -10.09
CA CYS B 66 15.24 -11.11 -10.76
C CYS B 66 16.10 -10.85 -12.01
N VAL B 67 15.47 -10.69 -13.16
CA VAL B 67 16.22 -10.32 -14.35
C VAL B 67 16.22 -8.80 -14.45
N LEU B 68 17.35 -8.19 -14.08
CA LEU B 68 17.55 -6.75 -14.08
C LEU B 68 17.70 -6.25 -15.51
N LYS B 69 17.43 -4.98 -15.78
CA LYS B 69 16.85 -4.01 -14.85
C LYS B 69 15.35 -4.04 -14.86
N GLY B 70 14.80 -4.38 -16.02
CA GLY B 70 13.37 -4.24 -16.22
C GLY B 70 12.45 -5.06 -15.33
N GLY B 71 12.93 -6.18 -14.83
CA GLY B 71 12.10 -6.98 -13.95
C GLY B 71 12.07 -6.52 -12.49
N TYR B 72 12.79 -5.45 -12.11
CA TYR B 72 12.96 -5.17 -10.68
C TYR B 72 11.63 -4.75 -10.01
N LYS B 73 10.75 -4.02 -10.69
CA LYS B 73 9.49 -3.60 -10.05
C LYS B 73 8.53 -4.78 -9.88
N PHE B 74 8.27 -5.51 -10.95
CA PHE B 74 7.44 -6.70 -10.91
C PHE B 74 7.95 -7.65 -9.83
N PHE B 75 9.27 -7.83 -9.81
CA PHE B 75 9.91 -8.68 -8.83
C PHE B 75 9.60 -8.22 -7.39
N ALA B 76 9.83 -6.95 -7.11
CA ALA B 76 9.61 -6.43 -5.75
C ALA B 76 8.14 -6.61 -5.31
N ASP B 77 7.23 -6.26 -6.20
CA ASP B 77 5.80 -6.37 -5.93
C ASP B 77 5.31 -7.81 -5.83
N LEU B 78 5.77 -8.66 -6.73
CA LEU B 78 5.33 -10.04 -6.71
C LEU B 78 5.79 -10.68 -5.38
N LEU B 79 7.04 -10.42 -4.99
CA LEU B 79 7.57 -10.95 -3.72
C LEU B 79 6.88 -10.35 -2.50
N ASP B 80 6.43 -9.11 -2.60
CA ASP B 80 5.67 -8.49 -1.50
C ASP B 80 4.34 -9.24 -1.32
N TYR B 81 3.70 -9.62 -2.43
CA TYR B 81 2.42 -10.32 -2.33
C TYR B 81 2.64 -11.74 -1.82
N ILE B 82 3.74 -12.37 -2.22
CA ILE B 82 4.07 -13.69 -1.69
C ILE B 82 4.40 -13.62 -0.19
N LYS B 83 5.11 -12.57 0.24
CA LYS B 83 5.40 -12.43 1.66
C LYS B 83 4.10 -12.27 2.43
N ALA B 84 3.17 -11.48 1.90
CA ALA B 84 1.88 -11.29 2.61
C ALA B 84 1.16 -12.64 2.77
N LEU B 85 1.18 -13.50 1.75
CA LEU B 85 0.60 -14.86 1.90
C LEU B 85 1.31 -15.63 2.98
N ASN B 86 2.63 -15.62 2.91
CA ASN B 86 3.43 -16.38 3.88
C ASN B 86 3.29 -15.91 5.34
N ARG B 87 2.91 -14.67 5.61
CA ARG B 87 2.81 -14.30 7.01
C ARG B 87 1.37 -14.39 7.48
N ASN B 88 0.47 -14.85 6.63
CA ASN B 88 -0.92 -14.90 7.04
C ASN B 88 -1.52 -16.30 6.86
N SER B 89 -0.64 -17.24 6.54
CA SER B 89 -1.06 -18.61 6.35
CA SER B 89 -1.01 -18.63 6.32
C SER B 89 -0.34 -19.49 7.35
N ASP B 90 -0.76 -20.75 7.43
CA ASP B 90 -0.12 -21.68 8.33
C ASP B 90 1.04 -22.28 7.57
N ARG B 91 0.84 -22.46 6.28
CA ARG B 91 1.84 -23.06 5.41
C ARG B 91 2.70 -22.00 4.75
N SER B 92 4.01 -22.01 5.01
CA SER B 92 4.94 -21.14 4.23
C SER B 92 6.32 -21.78 4.09
N ILE B 93 7.09 -21.25 3.16
CA ILE B 93 8.41 -21.79 2.83
CA ILE B 93 8.42 -21.78 2.85
C ILE B 93 9.41 -20.64 2.70
N PRO B 94 10.69 -20.89 3.02
CA PRO B 94 11.62 -19.77 2.86
C PRO B 94 11.78 -19.39 1.37
N MET B 95 12.14 -18.14 1.11
CA MET B 95 12.60 -17.70 -0.21
C MET B 95 13.92 -17.03 -0.08
N THR B 96 14.86 -17.33 -0.98
CA THR B 96 16.06 -16.51 -1.09
C THR B 96 15.97 -15.81 -2.44
N VAL B 97 16.85 -14.85 -2.69
CA VAL B 97 16.74 -14.03 -3.90
C VAL B 97 18.11 -13.87 -4.56
N ASP B 98 18.08 -13.63 -5.87
CA ASP B 98 19.30 -13.26 -6.55
C ASP B 98 18.92 -12.39 -7.76
N PHE B 99 19.90 -11.66 -8.27
CA PHE B 99 19.65 -10.70 -9.32
C PHE B 99 20.63 -10.97 -10.47
N ILE B 100 20.14 -11.03 -11.69
CA ILE B 100 21.08 -11.17 -12.78
C ILE B 100 20.80 -10.16 -13.87
N ARG B 101 21.84 -9.90 -14.63
CA ARG B 101 21.75 -9.06 -15.80
C ARG B 101 22.18 -9.93 -16.98
N LEU B 102 21.52 -9.70 -18.11
CA LEU B 102 21.79 -10.50 -19.30
C LEU B 102 22.41 -9.58 -20.31
N LYS B 103 23.44 -10.05 -21.00
CA LYS B 103 24.12 -9.19 -21.95
C LYS B 103 24.48 -9.94 -23.24
N SER B 104 24.11 -9.32 -24.36
CA SER B 104 24.49 -9.80 -25.71
C SER B 104 25.92 -9.41 -26.07
N ASP B 113 24.39 -14.19 -28.80
CA ASP B 113 23.56 -14.58 -27.65
C ASP B 113 23.95 -13.86 -26.35
N ILE B 114 23.36 -14.33 -25.27
CA ILE B 114 23.41 -13.67 -23.98
C ILE B 114 24.40 -14.34 -23.04
N LYS B 115 25.06 -13.56 -22.19
CA LYS B 115 25.68 -14.12 -21.01
C LYS B 115 25.09 -13.50 -19.75
N VAL B 116 25.21 -14.23 -18.65
CA VAL B 116 24.69 -13.84 -17.36
C VAL B 116 25.73 -13.02 -16.65
N ILE B 117 25.31 -11.95 -15.98
CA ILE B 117 26.24 -11.08 -15.27
C ILE B 117 25.74 -10.83 -13.85
N GLY B 118 26.67 -10.81 -12.90
CA GLY B 118 26.28 -10.85 -11.52
C GLY B 118 25.70 -12.23 -11.27
N GLY B 119 24.98 -12.32 -10.16
CA GLY B 119 24.40 -13.56 -9.73
C GLY B 119 25.36 -14.25 -8.78
N ASP B 120 24.79 -15.05 -7.89
CA ASP B 120 25.56 -16.05 -7.15
C ASP B 120 26.04 -17.12 -8.13
N ASP B 121 26.93 -17.98 -7.66
CA ASP B 121 27.25 -19.18 -8.42
C ASP B 121 25.96 -19.96 -8.72
N LEU B 122 25.79 -20.39 -9.97
CA LEU B 122 24.56 -21.09 -10.35
C LEU B 122 24.42 -22.45 -9.62
N SER B 123 25.48 -22.94 -8.97
CA SER B 123 25.35 -24.14 -8.16
CA SER B 123 25.39 -24.12 -8.11
C SER B 123 24.37 -23.90 -6.99
N THR B 124 24.14 -22.65 -6.64
CA THR B 124 23.21 -22.33 -5.58
C THR B 124 21.78 -22.70 -5.96
N LEU B 125 21.57 -22.96 -7.24
CA LEU B 125 20.23 -23.28 -7.76
C LEU B 125 19.94 -24.80 -7.76
N THR B 126 20.96 -25.61 -7.54
CA THR B 126 20.84 -27.06 -7.58
C THR B 126 19.89 -27.60 -6.49
N GLY B 127 18.89 -28.39 -6.89
CA GLY B 127 17.90 -28.90 -5.95
C GLY B 127 16.89 -27.88 -5.47
N LYS B 128 16.92 -26.67 -5.99
CA LYS B 128 15.98 -25.66 -5.54
C LYS B 128 14.79 -25.49 -6.50
N ASN B 129 13.68 -24.97 -5.98
CA ASN B 129 12.59 -24.45 -6.80
C ASN B 129 12.95 -23.05 -7.31
N VAL B 130 13.24 -22.93 -8.60
CA VAL B 130 13.76 -21.64 -9.11
C VAL B 130 12.67 -20.86 -9.83
N LEU B 131 12.40 -19.63 -9.40
CA LEU B 131 11.39 -18.76 -10.03
C LEU B 131 12.10 -17.58 -10.72
N ILE B 132 12.10 -17.59 -12.05
CA ILE B 132 12.72 -16.49 -12.80
C ILE B 132 11.64 -15.40 -13.01
N VAL B 133 11.99 -14.16 -12.69
CA VAL B 133 11.00 -13.08 -12.80
C VAL B 133 11.47 -12.07 -13.84
N GLU B 134 10.64 -11.93 -14.87
CA GLU B 134 10.95 -11.13 -16.06
C GLU B 134 9.87 -10.06 -16.31
N ASP B 135 10.25 -8.96 -16.94
CA ASP B 135 9.31 -7.92 -17.37
C ASP B 135 8.50 -8.28 -18.63
N ILE B 136 9.17 -8.74 -19.67
CA ILE B 136 8.45 -8.99 -20.91
C ILE B 136 9.09 -10.09 -21.75
N ILE B 137 8.25 -10.91 -22.36
CA ILE B 137 8.62 -11.91 -23.32
C ILE B 137 8.16 -11.42 -24.67
N ASP B 138 9.08 -11.37 -25.63
CA ASP B 138 8.76 -10.94 -26.98
C ASP B 138 9.01 -12.10 -27.91
N THR B 139 10.24 -12.27 -28.39
CA THR B 139 10.51 -13.46 -29.18
C THR B 139 10.60 -14.72 -28.32
N GLY B 140 10.94 -14.54 -27.04
CA GLY B 140 11.15 -15.66 -26.12
C GLY B 140 12.56 -16.26 -26.17
N LYS B 141 13.42 -15.77 -27.07
CA LYS B 141 14.81 -16.24 -27.14
C LYS B 141 15.63 -15.98 -25.90
N THR B 142 15.40 -14.83 -25.24
CA THR B 142 16.13 -14.54 -24.03
C THR B 142 15.84 -15.54 -22.93
N MET B 143 14.56 -15.83 -22.71
CA MET B 143 14.19 -16.78 -21.68
C MET B 143 14.65 -18.21 -22.00
N GLN B 144 14.57 -18.60 -23.26
CA GLN B 144 15.09 -19.94 -23.65
C GLN B 144 16.56 -20.05 -23.28
N THR B 145 17.32 -18.97 -23.53
CA THR B 145 18.74 -18.97 -23.21
C THR B 145 19.00 -19.07 -21.74
N LEU B 146 18.29 -18.26 -20.96
CA LEU B 146 18.50 -18.30 -19.53
C LEU B 146 18.11 -19.69 -18.96
N LEU B 147 16.99 -20.23 -19.42
CA LEU B 147 16.57 -21.56 -18.98
C LEU B 147 17.62 -22.63 -19.28
N SER B 148 18.27 -22.53 -20.44
CA SER B 148 19.23 -23.58 -20.86
C SER B 148 20.45 -23.56 -19.95
N LEU B 149 20.82 -22.35 -19.52
CA LEU B 149 21.93 -22.15 -18.59
CA LEU B 149 21.94 -22.17 -18.59
C LEU B 149 21.57 -22.70 -17.22
N VAL B 150 20.44 -22.24 -16.69
CA VAL B 150 19.94 -22.64 -15.38
C VAL B 150 19.83 -24.16 -15.32
N ARG B 151 19.36 -24.74 -16.41
CA ARG B 151 19.11 -26.18 -16.38
C ARG B 151 20.38 -27.01 -16.33
N GLN B 152 21.55 -26.41 -16.60
CA GLN B 152 22.82 -27.13 -16.42
C GLN B 152 23.13 -27.38 -14.94
N TYR B 153 22.44 -26.67 -14.06
CA TYR B 153 22.72 -26.84 -12.64
C TYR B 153 21.67 -27.62 -11.89
N ASN B 154 20.80 -28.31 -12.63
CA ASN B 154 19.83 -29.26 -12.08
CA ASN B 154 19.86 -29.28 -12.05
C ASN B 154 19.01 -28.78 -10.88
N PRO B 155 18.25 -27.71 -11.11
CA PRO B 155 17.27 -27.27 -10.12
C PRO B 155 16.17 -28.32 -9.95
N LYS B 156 15.51 -28.38 -8.79
CA LYS B 156 14.36 -29.26 -8.58
C LYS B 156 13.26 -28.93 -9.59
N MET B 157 12.93 -27.64 -9.71
CA MET B 157 12.04 -27.14 -10.76
C MET B 157 12.45 -25.74 -11.18
N VAL B 158 12.05 -25.34 -12.38
CA VAL B 158 12.25 -23.96 -12.85
CA VAL B 158 12.25 -23.97 -12.83
C VAL B 158 11.00 -23.46 -13.52
N LYS B 159 10.56 -22.29 -13.12
CA LYS B 159 9.37 -21.67 -13.69
C LYS B 159 9.71 -20.24 -13.99
N VAL B 160 8.94 -19.67 -14.89
CA VAL B 160 9.10 -18.29 -15.31
C VAL B 160 7.81 -17.50 -15.12
N ALA B 161 7.92 -16.38 -14.42
CA ALA B 161 6.83 -15.40 -14.31
C ALA B 161 7.22 -14.17 -15.15
N SER B 162 6.41 -13.78 -16.12
CA SER B 162 6.70 -12.58 -16.89
C SER B 162 5.48 -11.65 -16.78
N LEU B 163 5.72 -10.37 -16.50
CA LEU B 163 4.59 -9.45 -16.39
C LEU B 163 3.82 -9.41 -17.71
N LEU B 164 4.56 -9.27 -18.79
CA LEU B 164 4.01 -9.08 -20.12
C LEU B 164 4.49 -10.17 -21.06
N VAL B 165 3.60 -10.60 -21.95
CA VAL B 165 3.92 -11.45 -23.09
C VAL B 165 3.33 -10.81 -24.36
N LYS B 166 4.17 -10.57 -25.37
CA LYS B 166 3.66 -10.03 -26.65
C LYS B 166 3.10 -11.09 -27.58
N ARG B 167 1.96 -10.78 -28.20
CA ARG B 167 1.46 -11.54 -29.33
C ARG B 167 2.27 -11.08 -30.54
N THR B 168 3.08 -11.97 -31.08
CA THR B 168 3.97 -11.60 -32.16
C THR B 168 4.32 -12.82 -33.00
N PRO B 169 4.35 -12.66 -34.34
CA PRO B 169 4.80 -13.70 -35.28
C PRO B 169 6.23 -14.14 -35.03
N ARG B 170 7.01 -13.30 -34.34
CA ARG B 170 8.42 -13.57 -34.08
C ARG B 170 8.67 -14.47 -32.87
N SER B 171 7.58 -14.85 -32.19
CA SER B 171 7.69 -15.74 -31.03
C SER B 171 8.24 -17.10 -31.50
N VAL B 172 9.21 -17.65 -30.78
CA VAL B 172 9.74 -18.95 -31.16
C VAL B 172 8.84 -20.03 -30.58
N GLY B 173 7.84 -19.60 -29.81
CA GLY B 173 6.87 -20.54 -29.27
C GLY B 173 7.02 -20.83 -27.79
N TYR B 174 8.00 -20.20 -27.16
CA TYR B 174 8.15 -20.30 -25.71
C TYR B 174 7.02 -19.57 -24.94
N LYS B 175 6.42 -20.26 -23.98
CA LYS B 175 5.36 -19.70 -23.12
C LYS B 175 5.81 -19.78 -21.67
N PRO B 176 5.76 -18.66 -20.94
CA PRO B 176 6.13 -18.77 -19.53
C PRO B 176 5.06 -19.46 -18.67
N ASP B 177 5.41 -19.79 -17.43
CA ASP B 177 4.47 -20.46 -16.55
C ASP B 177 3.45 -19.53 -15.89
N PHE B 178 3.82 -18.29 -15.65
CA PHE B 178 2.90 -17.30 -15.09
C PHE B 178 3.01 -16.02 -15.93
N VAL B 179 1.86 -15.48 -16.32
CA VAL B 179 1.79 -14.31 -17.17
C VAL B 179 0.86 -13.28 -16.59
N GLY B 180 1.32 -12.05 -16.48
CA GLY B 180 0.40 -10.98 -16.08
C GLY B 180 -0.63 -10.62 -17.15
N PHE B 181 -0.10 -10.09 -18.26
CA PHE B 181 -0.88 -9.50 -19.36
C PHE B 181 -0.34 -9.99 -20.70
N GLU B 182 -1.24 -10.35 -21.61
CA GLU B 182 -0.85 -10.67 -22.99
C GLU B 182 -1.23 -9.46 -23.82
N ILE B 183 -0.25 -8.83 -24.43
CA ILE B 183 -0.44 -7.52 -25.06
C ILE B 183 -0.20 -7.57 -26.60
N PRO B 184 -0.68 -6.56 -27.34
CA PRO B 184 -0.34 -6.41 -28.76
C PRO B 184 1.15 -6.16 -28.97
N ASP B 185 1.60 -6.32 -30.21
CA ASP B 185 2.99 -6.01 -30.57
C ASP B 185 3.17 -4.50 -30.66
N LYS B 186 3.26 -3.85 -29.51
CA LYS B 186 3.40 -2.40 -29.41
C LYS B 186 4.51 -2.13 -28.45
N PHE B 187 5.25 -1.04 -28.64
CA PHE B 187 6.38 -0.86 -27.75
C PHE B 187 5.92 -0.09 -26.52
N VAL B 188 6.05 -0.71 -25.35
CA VAL B 188 5.49 -0.08 -24.14
C VAL B 188 6.58 0.27 -23.14
N VAL B 189 6.28 1.17 -22.19
CA VAL B 189 7.28 1.65 -21.24
C VAL B 189 6.55 1.82 -19.90
N GLY B 190 7.32 1.96 -18.82
CA GLY B 190 6.73 2.17 -17.51
C GLY B 190 6.84 0.91 -16.65
N TYR B 191 6.66 1.08 -15.35
CA TYR B 191 6.73 0.01 -14.37
C TYR B 191 8.08 -0.70 -14.57
N ALA B 192 9.13 0.10 -14.74
CA ALA B 192 10.54 -0.33 -14.87
C ALA B 192 10.94 -0.75 -16.28
N LEU B 193 9.98 -0.82 -17.22
CA LEU B 193 10.32 -0.98 -18.64
C LEU B 193 10.75 0.33 -19.25
N ASP B 194 11.89 0.34 -19.95
CA ASP B 194 12.50 1.59 -20.41
C ASP B 194 12.51 1.80 -21.93
N TYR B 195 12.76 3.04 -22.31
CA TYR B 195 13.19 3.39 -23.64
C TYR B 195 14.50 4.16 -23.44
N ASN B 196 15.63 3.57 -23.83
CA ASN B 196 16.94 4.17 -23.61
CA ASN B 196 16.94 4.20 -23.62
C ASN B 196 17.12 4.67 -22.16
N GLU B 197 16.73 3.80 -21.23
CA GLU B 197 16.84 3.98 -19.76
C GLU B 197 15.81 4.94 -19.13
N TYR B 198 15.07 5.70 -19.95
CA TYR B 198 13.96 6.53 -19.45
C TYR B 198 12.66 5.77 -19.21
N PHE B 199 11.76 6.38 -18.44
CA PHE B 199 10.43 5.84 -18.16
C PHE B 199 10.49 4.68 -17.17
N ARG B 200 11.65 4.35 -16.59
CA ARG B 200 11.59 3.31 -15.55
C ARG B 200 10.87 3.87 -14.30
N ASP B 201 10.99 5.18 -14.10
CA ASP B 201 10.38 5.94 -13.00
C ASP B 201 8.93 6.34 -13.30
N LEU B 202 8.15 5.39 -13.77
CA LEU B 202 6.74 5.64 -14.10
C LEU B 202 5.97 4.44 -13.58
N ASN B 203 4.90 4.63 -12.80
CA ASN B 203 4.24 3.48 -12.21
C ASN B 203 3.31 2.73 -13.21
N HIS B 204 2.72 3.43 -14.16
CA HIS B 204 1.84 2.84 -15.15
C HIS B 204 2.61 2.22 -16.31
N VAL B 205 2.04 1.24 -17.00
CA VAL B 205 2.60 0.87 -18.31
C VAL B 205 1.90 1.75 -19.36
N ALA B 206 2.69 2.33 -20.25
CA ALA B 206 2.19 3.30 -21.18
C ALA B 206 2.79 3.09 -22.58
N VAL B 207 2.20 3.72 -23.58
CA VAL B 207 2.77 3.74 -24.93
C VAL B 207 3.43 5.09 -25.16
N ILE B 208 4.63 5.10 -25.75
CA ILE B 208 5.37 6.37 -25.97
C ILE B 208 4.79 7.17 -27.10
N SER B 209 4.82 8.49 -26.99
CA SER B 209 4.44 9.37 -28.10
C SER B 209 5.59 9.48 -29.10
N GLU B 210 5.33 9.97 -30.31
CA GLU B 210 6.39 10.18 -31.29
C GLU B 210 7.38 11.22 -30.78
N THR B 211 6.85 12.27 -30.16
CA THR B 211 7.64 13.24 -29.41
C THR B 211 8.65 12.60 -28.41
N GLY B 212 8.16 11.66 -27.60
CA GLY B 212 8.96 11.03 -26.59
C GLY B 212 10.04 10.18 -27.23
N LYS B 213 9.68 9.48 -28.32
CA LYS B 213 10.65 8.67 -29.05
C LYS B 213 11.80 9.53 -29.54
N ALA B 214 11.47 10.72 -30.08
CA ALA B 214 12.47 11.63 -30.60
C ALA B 214 13.26 12.32 -29.48
N LYS B 215 12.62 12.65 -28.36
CA LYS B 215 13.33 13.30 -27.25
C LYS B 215 14.42 12.41 -26.63
N TYR B 216 14.11 11.15 -26.44
CA TYR B 216 14.97 10.26 -25.66
C TYR B 216 15.75 9.26 -26.53
N LYS B 217 15.73 9.46 -27.84
CA LYS B 217 16.40 8.54 -28.75
C LYS B 217 17.91 8.58 -28.52
N ALA B 218 18.52 7.40 -28.44
CA ALA B 218 19.98 7.30 -28.28
C ALA B 218 20.68 8.01 -29.43
N SER C 5 -2.64 -5.28 28.02
CA SER C 5 -1.82 -6.45 28.33
C SER C 5 -1.70 -7.42 27.12
N PRO C 6 -2.81 -7.72 26.41
CA PRO C 6 -2.60 -8.54 25.20
C PRO C 6 -2.27 -7.76 23.89
N GLY C 7 -2.38 -6.43 23.89
CA GLY C 7 -1.96 -5.63 22.74
C GLY C 7 -0.53 -5.13 22.86
N VAL C 8 -0.16 -4.22 21.98
CA VAL C 8 1.17 -3.63 22.07
C VAL C 8 1.17 -2.65 23.24
N VAL C 9 2.04 -2.87 24.23
CA VAL C 9 2.02 -2.01 25.44
C VAL C 9 2.93 -0.80 25.27
N ILE C 10 2.34 0.38 25.27
CA ILE C 10 3.09 1.62 25.23
C ILE C 10 3.19 2.17 26.68
N SER C 11 4.43 2.29 27.18
CA SER C 11 4.70 2.64 28.57
CA SER C 11 4.62 2.61 28.59
C SER C 11 4.39 4.09 28.89
N ASP C 12 4.19 4.36 30.18
CA ASP C 12 3.93 5.70 30.63
C ASP C 12 5.03 6.66 30.23
N ASP C 13 6.27 6.19 30.18
CA ASP C 13 7.39 7.08 29.91
CA ASP C 13 7.38 7.09 29.90
C ASP C 13 7.80 7.11 28.44
N GLU C 14 6.99 6.51 27.57
CA GLU C 14 7.22 6.53 26.13
C GLU C 14 7.44 7.94 25.60
N PRO C 15 8.62 8.19 25.01
CA PRO C 15 8.92 9.57 24.59
C PRO C 15 8.32 9.92 23.22
N GLY C 16 7.94 8.91 22.45
CA GLY C 16 7.39 9.17 21.13
C GLY C 16 8.51 9.61 20.21
N TYR C 17 8.13 10.13 19.04
CA TYR C 17 9.10 10.59 18.05
C TYR C 17 9.01 12.07 17.69
N ASP C 18 10.16 12.66 17.43
CA ASP C 18 10.26 14.01 16.89
C ASP C 18 9.46 14.15 15.58
N LEU C 19 8.69 15.24 15.45
CA LEU C 19 7.82 15.45 14.28
C LEU C 19 8.64 15.54 13.00
N ASP C 20 9.87 16.02 13.14
CA ASP C 20 10.73 16.32 12.00
CA ASP C 20 10.66 16.31 11.95
C ASP C 20 11.25 15.03 11.34
N LEU C 21 10.97 13.89 11.95
CA LEU C 21 11.41 12.64 11.35
C LEU C 21 10.37 12.04 10.40
N PHE C 22 9.20 12.66 10.37
CA PHE C 22 8.05 12.15 9.63
C PHE C 22 7.50 13.19 8.73
N ALA C 23 6.64 12.74 7.83
CA ALA C 23 5.87 13.62 6.97
C ALA C 23 4.59 13.98 7.73
N ILE C 24 4.41 15.27 7.97
CA ILE C 24 3.35 15.80 8.84
C ILE C 24 2.59 16.88 8.09
N PRO C 25 1.25 16.85 8.10
CA PRO C 25 0.56 17.98 7.45
C PRO C 25 1.03 19.37 7.92
N ASN C 26 1.37 20.28 6.98
CA ASN C 26 1.83 21.64 7.34
C ASN C 26 0.93 22.35 8.30
N HIS C 27 -0.38 22.18 8.11
CA HIS C 27 -1.31 22.95 8.92
C HIS C 27 -1.37 22.47 10.37
N TYR C 28 -0.74 21.33 10.69
CA TYR C 28 -0.64 20.91 12.10
C TYR C 28 0.79 21.05 12.66
N ALA C 29 1.67 21.69 11.88
CA ALA C 29 3.10 21.70 12.21
C ALA C 29 3.38 22.28 13.60
N GLU C 30 2.71 23.37 13.93
CA GLU C 30 2.88 24.04 15.22
CA GLU C 30 2.97 23.97 15.23
C GLU C 30 2.01 23.40 16.32
N ASP C 31 1.05 22.56 15.91
CA ASP C 31 -0.02 22.10 16.82
C ASP C 31 0.18 20.75 17.49
N LEU C 32 1.22 20.04 17.07
CA LEU C 32 1.51 18.69 17.60
C LEU C 32 2.81 18.73 18.36
N GLU C 33 2.97 17.83 19.31
CA GLU C 33 4.19 17.85 20.12
C GLU C 33 5.15 16.73 19.68
N ARG C 34 4.58 15.55 19.48
CA ARG C 34 5.33 14.34 19.14
C ARG C 34 4.40 13.40 18.38
N VAL C 35 5.00 12.55 17.56
CA VAL C 35 4.31 11.37 17.05
C VAL C 35 4.37 10.34 18.13
N PHE C 36 3.22 9.74 18.45
CA PHE C 36 3.12 8.80 19.57
C PHE C 36 3.08 7.34 19.08
N ILE C 37 2.23 7.05 18.10
CA ILE C 37 2.20 5.76 17.40
C ILE C 37 2.22 6.01 15.89
N PRO C 38 3.34 5.72 15.24
CA PRO C 38 3.37 5.92 13.78
C PRO C 38 2.32 5.13 13.01
N HIS C 39 1.78 5.76 11.96
CA HIS C 39 0.79 5.15 11.14
C HIS C 39 1.17 3.70 10.72
N GLY C 40 2.39 3.52 10.27
CA GLY C 40 2.76 2.19 9.78
C GLY C 40 2.71 1.12 10.85
N LEU C 41 3.00 1.51 12.09
CA LEU C 41 2.93 0.57 13.21
C LEU C 41 1.44 0.17 13.49
N ILE C 42 0.55 1.14 13.43
CA ILE C 42 -0.88 0.87 13.51
C ILE C 42 -1.28 -0.13 12.44
N MET C 43 -0.80 0.07 11.22
CA MET C 43 -1.10 -0.88 10.11
C MET C 43 -0.58 -2.28 10.41
N ASP C 44 0.69 -2.39 10.83
CA ASP C 44 1.25 -3.71 11.11
C ASP C 44 0.48 -4.44 12.21
N ARG C 45 0.05 -3.69 13.24
CA ARG C 45 -0.67 -4.31 14.33
C ARG C 45 -2.07 -4.68 13.85
N THR C 46 -2.68 -3.80 13.08
CA THR C 46 -4.02 -4.07 12.52
C THR C 46 -4.01 -5.30 11.61
N GLU C 47 -2.96 -5.49 10.80
CA GLU C 47 -2.84 -6.74 10.03
C GLU C 47 -2.95 -7.97 10.92
N ARG C 48 -2.22 -7.99 12.03
CA ARG C 48 -2.25 -9.16 12.90
C ARG C 48 -3.67 -9.30 13.57
N LEU C 49 -4.26 -8.20 14.02
CA LEU C 49 -5.65 -8.25 14.52
C LEU C 49 -6.68 -8.81 13.53
N ALA C 50 -6.54 -8.44 12.25
CA ALA C 50 -7.45 -8.98 11.21
C ALA C 50 -7.42 -10.49 11.25
N ARG C 51 -6.23 -11.05 11.37
CA ARG C 51 -6.09 -12.49 11.39
C ARG C 51 -6.70 -13.09 12.63
N ASP C 52 -6.49 -12.42 13.76
CA ASP C 52 -7.06 -12.84 15.04
C ASP C 52 -8.59 -12.84 14.96
N VAL C 53 -9.14 -11.80 14.36
CA VAL C 53 -10.58 -11.69 14.20
C VAL C 53 -11.12 -12.83 13.33
N MET C 54 -10.46 -13.10 12.20
CA MET C 54 -11.00 -14.17 11.33
C MET C 54 -10.95 -15.54 12.02
N LYS C 55 -9.90 -15.76 12.78
CA LYS C 55 -9.72 -17.00 13.51
C LYS C 55 -10.86 -17.25 14.49
N GLU C 56 -11.27 -16.20 15.18
CA GLU C 56 -12.31 -16.35 16.21
CA GLU C 56 -12.29 -16.30 16.21
C GLU C 56 -13.71 -16.19 15.65
N MET C 57 -13.87 -15.40 14.59
CA MET C 57 -15.22 -15.05 14.12
C MET C 57 -15.59 -15.55 12.74
N GLY C 58 -14.63 -16.08 12.01
CA GLY C 58 -14.86 -16.34 10.60
C GLY C 58 -15.68 -17.57 10.35
N GLY C 59 -16.27 -18.14 11.40
CA GLY C 59 -17.10 -19.34 11.24
C GLY C 59 -18.51 -19.05 10.71
N HIS C 60 -18.94 -17.79 10.83
CA HIS C 60 -20.34 -17.47 10.52
C HIS C 60 -20.43 -16.05 10.04
N HIS C 61 -21.41 -15.74 9.19
CA HIS C 61 -21.62 -14.37 8.75
C HIS C 61 -21.28 -13.32 9.81
N ILE C 62 -20.40 -12.39 9.47
CA ILE C 62 -20.04 -11.30 10.37
C ILE C 62 -20.76 -10.00 10.05
N VAL C 63 -21.25 -9.34 11.10
CA VAL C 63 -21.72 -7.96 10.94
C VAL C 63 -20.73 -7.08 11.67
N ALA C 64 -20.03 -6.24 10.89
CA ALA C 64 -19.07 -5.33 11.47
C ALA C 64 -19.70 -3.93 11.66
N LEU C 65 -19.71 -3.47 12.90
CA LEU C 65 -20.34 -2.20 13.26
CA LEU C 65 -20.34 -2.22 13.32
C LEU C 65 -19.29 -1.16 13.60
N CYS C 66 -19.22 -0.13 12.78
CA CYS C 66 -18.26 0.97 13.01
C CYS C 66 -18.85 2.01 13.96
N VAL C 67 -18.19 2.31 15.07
CA VAL C 67 -18.65 3.39 15.95
C VAL C 67 -18.05 4.72 15.48
N LEU C 68 -18.86 5.52 14.76
CA LEU C 68 -18.49 6.87 14.31
C LEU C 68 -18.28 7.86 15.44
N LYS C 69 -17.55 8.94 15.20
CA LYS C 69 -16.77 9.13 13.96
C LYS C 69 -15.37 8.50 14.08
N GLY C 70 -14.89 8.43 15.31
CA GLY C 70 -13.50 8.08 15.54
C GLY C 70 -13.12 6.68 15.08
N GLY C 71 -14.10 5.78 15.03
CA GLY C 71 -13.84 4.43 14.61
C GLY C 71 -13.57 4.26 13.10
N TYR C 72 -13.81 5.29 12.29
CA TYR C 72 -13.96 5.06 10.84
C TYR C 72 -12.62 4.60 10.17
N LYS C 73 -11.48 5.13 10.61
CA LYS C 73 -10.21 4.78 9.95
C LYS C 73 -9.76 3.37 10.28
N PHE C 74 -9.73 3.06 11.57
CA PHE C 74 -9.46 1.72 12.04
C PHE C 74 -10.39 0.70 11.39
N PHE C 75 -11.68 1.05 11.33
CA PHE C 75 -12.68 0.19 10.71
C PHE C 75 -12.29 -0.10 9.25
N ALA C 76 -11.99 0.93 8.48
CA ALA C 76 -11.77 0.72 7.04
C ALA C 76 -10.51 -0.14 6.84
N ASP C 77 -9.46 0.16 7.61
CA ASP C 77 -8.17 -0.56 7.52
C ASP C 77 -8.27 -2.01 8.03
N LEU C 78 -8.93 -2.19 9.17
CA LEU C 78 -9.16 -3.54 9.69
C LEU C 78 -9.91 -4.38 8.67
N LEU C 79 -10.99 -3.83 8.10
CA LEU C 79 -11.77 -4.58 7.15
C LEU C 79 -10.99 -4.82 5.83
N ASP C 80 -10.14 -3.88 5.41
CA ASP C 80 -9.27 -4.14 4.25
C ASP C 80 -8.37 -5.32 4.50
N TYR C 81 -7.82 -5.47 5.72
CA TYR C 81 -6.91 -6.58 5.97
C TYR C 81 -7.68 -7.90 6.04
N ILE C 82 -8.89 -7.84 6.60
CA ILE C 82 -9.75 -9.00 6.59
C ILE C 82 -10.14 -9.42 5.15
N LYS C 83 -10.46 -8.44 4.28
CA LYS C 83 -10.75 -8.75 2.88
C LYS C 83 -9.51 -9.40 2.19
N ALA C 84 -8.33 -8.88 2.47
CA ALA C 84 -7.11 -9.43 1.92
C ALA C 84 -6.94 -10.89 2.30
N LEU C 85 -7.15 -11.22 3.57
CA LEU C 85 -7.21 -12.64 3.98
C LEU C 85 -8.26 -13.45 3.20
N ASN C 86 -9.47 -12.92 3.16
CA ASN C 86 -10.56 -13.68 2.55
C ASN C 86 -10.43 -13.89 1.06
N ARG C 87 -9.68 -13.07 0.35
CA ARG C 87 -9.60 -13.34 -1.07
C ARG C 87 -8.35 -14.17 -1.38
N ASN C 88 -7.61 -14.56 -0.34
CA ASN C 88 -6.40 -15.35 -0.54
C ASN C 88 -6.34 -16.66 0.25
N SER C 89 -7.47 -17.06 0.80
CA SER C 89 -7.59 -18.29 1.59
CA SER C 89 -7.54 -18.30 1.56
C SER C 89 -8.55 -19.26 0.95
N ASP C 90 -8.51 -20.51 1.41
CA ASP C 90 -9.41 -21.55 0.93
C ASP C 90 -10.87 -21.32 1.29
N ARG C 91 -11.11 -20.71 2.43
CA ARG C 91 -12.48 -20.52 2.90
CA ARG C 91 -12.46 -20.54 2.93
C ARG C 91 -12.66 -19.10 3.45
N SER C 92 -13.88 -18.58 3.37
CA SER C 92 -14.13 -17.26 3.96
C SER C 92 -15.61 -17.15 4.27
N ILE C 93 -16.01 -15.98 4.78
CA ILE C 93 -17.38 -15.81 5.20
C ILE C 93 -17.83 -14.42 4.76
N PRO C 94 -19.13 -14.26 4.43
CA PRO C 94 -19.63 -12.93 4.10
C PRO C 94 -19.55 -12.02 5.29
N MET C 95 -19.27 -10.76 5.01
CA MET C 95 -19.38 -9.75 6.05
C MET C 95 -20.27 -8.60 5.55
N THR C 96 -21.19 -8.15 6.41
CA THR C 96 -21.95 -6.93 6.09
C THR C 96 -21.51 -5.85 7.09
N VAL C 97 -21.82 -4.59 6.80
CA VAL C 97 -21.32 -3.51 7.62
C VAL C 97 -22.46 -2.56 8.01
N ASP C 98 -22.27 -1.88 9.14
CA ASP C 98 -23.17 -0.81 9.53
C ASP C 98 -22.38 0.25 10.32
N PHE C 99 -22.99 1.42 10.50
CA PHE C 99 -22.32 2.57 11.10
C PHE C 99 -23.26 3.16 12.15
N ILE C 100 -22.74 3.40 13.34
CA ILE C 100 -23.58 4.02 14.38
C ILE C 100 -22.83 5.09 15.09
N ARG C 101 -23.59 6.07 15.55
CA ARG C 101 -23.08 7.06 16.46
CA ARG C 101 -23.09 7.09 16.46
C ARG C 101 -23.65 6.83 17.87
N LEU C 102 -22.91 7.24 18.91
CA LEU C 102 -23.30 7.08 20.32
C LEU C 102 -23.11 8.41 21.04
N ASP C 113 -31.68 2.61 27.94
CA ASP C 113 -30.65 2.15 27.00
C ASP C 113 -29.79 3.32 26.51
N ILE C 114 -28.51 3.05 26.26
CA ILE C 114 -27.68 3.95 25.46
C ILE C 114 -28.44 4.25 24.18
N LYS C 115 -28.37 5.48 23.68
CA LYS C 115 -29.02 5.68 22.39
C LYS C 115 -28.04 5.57 21.22
N VAL C 116 -28.45 4.72 20.28
CA VAL C 116 -27.75 4.41 19.05
C VAL C 116 -28.34 5.16 17.85
N ILE C 117 -27.53 6.02 17.24
CA ILE C 117 -27.96 6.88 16.13
C ILE C 117 -27.45 6.37 14.78
N GLY C 118 -28.35 6.21 13.79
CA GLY C 118 -27.96 6.06 12.37
C GLY C 118 -27.62 4.72 11.72
N GLY C 119 -27.94 3.62 12.40
CA GLY C 119 -27.69 2.29 11.89
C GLY C 119 -28.97 1.64 11.39
N ASP C 120 -28.85 0.40 10.92
CA ASP C 120 -29.99 -0.41 10.54
C ASP C 120 -30.72 -0.82 11.79
N ASP C 121 -31.93 -1.34 11.61
CA ASP C 121 -32.66 -1.92 12.73
C ASP C 121 -31.78 -2.97 13.37
N LEU C 122 -31.72 -3.00 14.70
CA LEU C 122 -30.72 -3.88 15.30
C LEU C 122 -31.13 -5.38 15.19
N SER C 123 -32.32 -5.64 14.61
CA SER C 123 -32.72 -7.00 14.22
C SER C 123 -31.71 -7.59 13.19
N THR C 124 -30.94 -6.72 12.52
CA THR C 124 -29.92 -7.18 11.57
C THR C 124 -28.80 -7.90 12.31
N LEU C 125 -28.73 -7.73 13.63
CA LEU C 125 -27.67 -8.38 14.39
C LEU C 125 -28.07 -9.79 14.83
N THR C 126 -29.37 -10.10 14.82
CA THR C 126 -29.84 -11.35 15.38
C THR C 126 -29.26 -12.54 14.65
N GLY C 127 -28.62 -13.44 15.38
CA GLY C 127 -28.03 -14.65 14.81
C GLY C 127 -26.72 -14.46 14.05
N LYS C 128 -26.11 -13.27 14.17
CA LYS C 128 -24.89 -12.99 13.40
C LYS C 128 -23.70 -12.93 14.33
N ASN C 129 -22.50 -13.05 13.77
CA ASN C 129 -21.27 -12.77 14.50
C ASN C 129 -21.01 -11.27 14.44
N VAL C 130 -21.21 -10.58 15.57
CA VAL C 130 -21.18 -9.13 15.52
C VAL C 130 -19.84 -8.62 16.02
N LEU C 131 -19.19 -7.82 15.20
CA LEU C 131 -17.90 -7.23 15.56
C LEU C 131 -18.07 -5.75 15.73
N ILE C 132 -17.91 -5.24 16.95
CA ILE C 132 -18.02 -3.78 17.18
C ILE C 132 -16.63 -3.20 17.09
N VAL C 133 -16.46 -2.15 16.30
CA VAL C 133 -15.14 -1.55 16.08
C VAL C 133 -15.05 -0.11 16.62
N GLU C 134 -14.14 0.10 17.58
CA GLU C 134 -13.96 1.38 18.24
C GLU C 134 -12.56 1.92 18.02
N ASP C 135 -12.38 3.23 18.13
CA ASP C 135 -11.06 3.85 18.17
C ASP C 135 -10.39 3.65 19.52
N ILE C 136 -11.16 3.84 20.60
CA ILE C 136 -10.52 3.80 21.92
C ILE C 136 -11.52 3.41 23.00
N ILE C 137 -11.01 2.67 23.97
CA ILE C 137 -11.71 2.39 25.20
C ILE C 137 -11.00 3.17 26.28
N ASP C 138 -11.75 3.94 27.06
CA ASP C 138 -11.15 4.69 28.15
C ASP C 138 -11.76 4.17 29.48
N THR C 139 -12.85 4.77 29.93
CA THR C 139 -13.54 4.23 31.10
C THR C 139 -14.18 2.87 30.82
N GLY C 140 -14.53 2.63 29.55
CA GLY C 140 -15.21 1.40 29.15
C GLY C 140 -16.73 1.46 29.32
N LYS C 141 -17.27 2.59 29.76
CA LYS C 141 -18.73 2.64 29.98
C LYS C 141 -19.53 2.57 28.69
N THR C 142 -19.05 3.26 27.66
CA THR C 142 -19.73 3.26 26.36
C THR C 142 -19.89 1.84 25.87
N MET C 143 -18.82 1.06 25.85
CA MET C 143 -18.89 -0.32 25.38
CA MET C 143 -18.98 -0.28 25.32
C MET C 143 -19.80 -1.21 26.24
N GLN C 144 -19.64 -1.11 27.55
CA GLN C 144 -20.49 -1.88 28.46
CA GLN C 144 -20.50 -1.83 28.51
C GLN C 144 -21.98 -1.58 28.21
N THR C 145 -22.30 -0.31 28.01
CA THR C 145 -23.68 0.08 27.75
C THR C 145 -24.12 -0.39 26.36
N LEU C 146 -23.27 -0.22 25.36
CA LEU C 146 -23.66 -0.70 24.05
C LEU C 146 -23.84 -2.21 24.02
N LEU C 147 -22.95 -2.94 24.71
CA LEU C 147 -23.08 -4.42 24.77
C LEU C 147 -24.40 -4.87 25.41
N SER C 148 -24.79 -4.20 26.49
CA SER C 148 -26.05 -4.51 27.18
C SER C 148 -27.23 -4.39 26.22
N LEU C 149 -27.17 -3.42 25.32
CA LEU C 149 -28.24 -3.28 24.33
C LEU C 149 -28.15 -4.35 23.26
N VAL C 150 -26.95 -4.54 22.72
CA VAL C 150 -26.78 -5.47 21.62
C VAL C 150 -27.20 -6.92 21.96
N ARG C 151 -26.86 -7.39 23.16
CA ARG C 151 -27.27 -8.74 23.58
C ARG C 151 -28.78 -9.00 23.47
N GLN C 152 -29.58 -7.94 23.60
CA GLN C 152 -31.04 -8.07 23.57
C GLN C 152 -31.52 -8.37 22.15
N TYR C 153 -30.61 -8.34 21.18
CA TYR C 153 -31.01 -8.65 19.82
C TYR C 153 -30.57 -10.07 19.44
N ASN C 154 -30.06 -10.77 20.44
CA ASN C 154 -29.64 -12.15 20.31
C ASN C 154 -28.65 -12.43 19.14
N PRO C 155 -27.51 -11.73 19.16
CA PRO C 155 -26.47 -12.09 18.18
C PRO C 155 -25.97 -13.48 18.46
N LYS C 156 -25.42 -14.15 17.46
CA LYS C 156 -24.77 -15.44 17.68
CA LYS C 156 -24.77 -15.43 17.69
C LYS C 156 -23.59 -15.24 18.68
N MET C 157 -22.83 -14.16 18.51
CA MET C 157 -21.76 -13.77 19.41
C MET C 157 -21.55 -12.28 19.21
N VAL C 158 -20.96 -11.63 20.21
CA VAL C 158 -20.59 -10.20 20.10
C VAL C 158 -19.19 -10.05 20.57
N LYS C 159 -18.36 -9.34 19.81
CA LYS C 159 -16.98 -9.11 20.19
C LYS C 159 -16.64 -7.66 19.87
N VAL C 160 -15.65 -7.12 20.57
CA VAL C 160 -15.24 -5.73 20.38
C VAL C 160 -13.76 -5.67 20.02
N ALA C 161 -13.45 -4.91 18.97
CA ALA C 161 -12.08 -4.59 18.60
C ALA C 161 -11.88 -3.11 18.84
N SER C 162 -10.85 -2.74 19.60
CA SER C 162 -10.56 -1.35 19.81
C SER C 162 -9.10 -1.08 19.44
N LEU C 163 -8.84 -0.03 18.66
CA LEU C 163 -7.45 0.29 18.31
C LEU C 163 -6.60 0.52 19.57
N LEU C 164 -7.16 1.33 20.47
CA LEU C 164 -6.49 1.77 21.69
C LEU C 164 -7.29 1.42 22.93
N VAL C 165 -6.58 1.07 24.01
CA VAL C 165 -7.15 0.92 25.36
C VAL C 165 -6.27 1.69 26.30
N LYS C 166 -6.88 2.56 27.08
CA LYS C 166 -6.15 3.32 28.06
C LYS C 166 -5.98 2.61 29.39
N ARG C 167 -4.78 2.74 29.97
CA ARG C 167 -4.57 2.44 31.38
C ARG C 167 -5.06 3.61 32.24
N THR C 168 -6.22 3.43 32.84
CA THR C 168 -6.81 4.51 33.62
C THR C 168 -7.43 4.03 34.91
N PRO C 169 -7.30 4.84 35.96
CA PRO C 169 -7.99 4.43 37.19
C PRO C 169 -9.52 4.61 37.11
N ARG C 170 -10.02 5.21 36.03
CA ARG C 170 -11.45 5.44 35.89
C ARG C 170 -12.09 4.30 35.12
N SER C 171 -11.31 3.27 34.81
CA SER C 171 -11.86 2.12 34.10
C SER C 171 -12.87 1.36 34.95
N VAL C 172 -13.99 0.98 34.33
CA VAL C 172 -14.99 0.17 35.05
C VAL C 172 -14.69 -1.32 34.91
N GLY C 173 -13.48 -1.65 34.41
CA GLY C 173 -13.00 -3.02 34.29
C GLY C 173 -13.34 -3.75 32.98
N TYR C 174 -14.02 -3.05 32.07
CA TYR C 174 -14.29 -3.62 30.75
C TYR C 174 -13.00 -3.67 29.89
N LYS C 175 -12.68 -4.84 29.33
CA LYS C 175 -11.61 -4.98 28.33
CA LYS C 175 -11.62 -4.96 28.33
C LYS C 175 -12.13 -5.57 27.01
N PRO C 176 -11.67 -5.02 25.88
CA PRO C 176 -12.24 -5.52 24.61
C PRO C 176 -11.66 -6.86 24.25
N ASP C 177 -12.19 -7.49 23.21
CA ASP C 177 -11.68 -8.80 22.80
C ASP C 177 -10.42 -8.71 21.97
N PHE C 178 -10.32 -7.62 21.21
CA PHE C 178 -9.20 -7.41 20.33
C PHE C 178 -8.68 -6.00 20.63
N VAL C 179 -7.37 -5.88 20.88
CA VAL C 179 -6.78 -4.60 21.21
CA VAL C 179 -6.79 -4.59 21.21
C VAL C 179 -5.53 -4.29 20.41
N GLY C 180 -5.47 -3.10 19.81
CA GLY C 180 -4.26 -2.75 19.05
C GLY C 180 -3.11 -2.44 20.01
N PHE C 181 -3.35 -1.39 20.81
CA PHE C 181 -2.30 -0.79 21.66
C PHE C 181 -2.87 -0.45 23.04
N GLU C 182 -2.15 -0.79 24.12
CA GLU C 182 -2.50 -0.30 25.45
C GLU C 182 -1.68 0.94 25.75
N ILE C 183 -2.33 2.06 26.06
CA ILE C 183 -1.59 3.31 26.13
C ILE C 183 -1.75 3.98 27.49
N PRO C 184 -0.88 4.97 27.77
CA PRO C 184 -1.03 5.72 29.01
C PRO C 184 -2.31 6.51 29.07
N ASP C 185 -2.64 6.99 30.27
CA ASP C 185 -3.76 7.91 30.51
C ASP C 185 -3.41 9.33 30.02
N LYS C 186 -3.25 9.49 28.71
CA LYS C 186 -2.87 10.77 28.09
C LYS C 186 -3.79 10.98 26.92
N PHE C 187 -4.17 12.24 26.65
CA PHE C 187 -5.07 12.54 25.51
C PHE C 187 -4.28 12.46 24.17
N VAL C 188 -4.72 11.62 23.25
CA VAL C 188 -4.04 11.48 21.96
C VAL C 188 -4.99 11.88 20.82
N VAL C 189 -4.43 12.20 19.67
CA VAL C 189 -5.25 12.55 18.51
C VAL C 189 -4.65 11.87 17.29
N GLY C 190 -5.34 11.94 16.16
CA GLY C 190 -4.78 11.33 14.95
C GLY C 190 -5.46 10.02 14.63
N TYR C 191 -5.27 9.58 13.39
CA TYR C 191 -5.88 8.34 12.92
C TYR C 191 -7.38 8.31 13.22
N ALA C 192 -8.00 9.45 12.92
CA ALA C 192 -9.45 9.75 13.10
C ALA C 192 -9.87 10.13 14.53
N LEU C 193 -8.95 10.08 15.48
CA LEU C 193 -9.24 10.59 16.83
C LEU C 193 -9.06 12.11 16.83
N ASP C 194 -10.05 12.81 17.33
CA ASP C 194 -10.08 14.26 17.23
C ASP C 194 -9.88 15.00 18.56
N TYR C 195 -9.56 16.27 18.40
CA TYR C 195 -9.70 17.26 19.46
C TYR C 195 -10.59 18.36 18.86
N ASN C 196 -11.82 18.45 19.37
CA ASN C 196 -12.86 19.34 18.81
C ASN C 196 -12.96 19.30 17.28
N GLU C 197 -12.96 18.08 16.76
CA GLU C 197 -13.15 17.75 15.34
C GLU C 197 -11.88 17.89 14.50
N TYR C 198 -10.87 18.55 15.05
CA TYR C 198 -9.56 18.60 14.41
C TYR C 198 -8.73 17.34 14.62
N PHE C 199 -7.69 17.21 13.79
CA PHE C 199 -6.70 16.13 13.82
C PHE C 199 -7.21 14.79 13.34
N ARG C 200 -8.45 14.69 12.86
CA ARG C 200 -8.86 13.41 12.27
C ARG C 200 -8.10 13.14 10.97
N ASP C 201 -7.77 14.21 10.25
CA ASP C 201 -7.06 14.20 8.95
C ASP C 201 -5.55 14.11 9.17
N LEU C 202 -5.15 13.13 9.95
CA LEU C 202 -3.74 12.91 10.35
C LEU C 202 -3.54 11.39 10.40
N ASN C 203 -2.53 10.81 9.74
CA ASN C 203 -2.32 9.34 9.68
CA ASN C 203 -2.62 9.34 9.83
C ASN C 203 -1.78 8.77 11.01
N HIS C 204 -0.90 9.55 11.68
CA HIS C 204 -0.27 9.03 12.91
C HIS C 204 -1.12 9.31 14.15
N VAL C 205 -0.94 8.53 15.23
CA VAL C 205 -1.46 8.94 16.52
C VAL C 205 -0.43 9.83 17.17
N ALA C 206 -0.86 10.97 17.66
CA ALA C 206 0.06 12.00 18.14
C ALA C 206 -0.42 12.67 19.42
N VAL C 207 0.47 13.41 20.05
CA VAL C 207 0.11 14.23 21.21
C VAL C 207 0.09 15.71 20.79
N ILE C 208 -0.94 16.41 21.23
CA ILE C 208 -1.14 17.80 20.88
C ILE C 208 -0.23 18.73 21.69
N SER C 209 0.23 19.81 21.06
CA SER C 209 1.07 20.79 21.75
C SER C 209 0.19 21.77 22.54
N GLU C 210 0.80 22.60 23.38
CA GLU C 210 0.05 23.55 24.20
C GLU C 210 -0.60 24.59 23.31
N THR C 211 0.15 25.07 22.32
CA THR C 211 -0.43 26.05 21.41
C THR C 211 -1.52 25.37 20.55
N GLY C 212 -1.34 24.09 20.23
CA GLY C 212 -2.37 23.32 19.56
C GLY C 212 -3.69 23.27 20.36
N LYS C 213 -3.60 22.92 21.65
CA LYS C 213 -4.77 22.91 22.54
C LYS C 213 -5.46 24.27 22.52
N ALA C 214 -4.67 25.33 22.61
CA ALA C 214 -5.24 26.67 22.74
C ALA C 214 -5.92 27.10 21.44
N LYS C 215 -5.32 26.73 20.32
CA LYS C 215 -5.81 27.12 19.01
C LYS C 215 -7.19 26.51 18.74
N TYR C 216 -7.36 25.23 19.10
CA TYR C 216 -8.55 24.48 18.69
C TYR C 216 -9.53 24.26 19.85
N LYS C 217 -9.27 24.90 20.98
CA LYS C 217 -10.16 24.84 22.12
C LYS C 217 -11.53 25.39 21.74
N ALA C 218 -12.58 24.66 22.16
CA ALA C 218 -13.95 24.96 21.74
C ALA C 218 -14.58 26.05 22.59
N MET D 1 10.81 21.64 6.09
CA MET D 1 11.53 21.16 7.27
C MET D 1 12.96 20.65 6.91
N ALA D 2 13.81 20.49 7.93
CA ALA D 2 15.24 20.17 7.74
C ALA D 2 15.53 18.87 6.96
N THR D 3 16.59 18.89 6.16
CA THR D 3 16.92 17.74 5.32
C THR D 3 18.10 16.93 5.85
N ARG D 4 18.96 17.52 6.69
CA ARG D 4 19.95 16.65 7.34
C ARG D 4 19.51 16.30 8.75
N SER D 5 19.69 15.03 9.08
CA SER D 5 19.16 14.41 10.28
C SER D 5 19.94 13.13 10.56
N PRO D 6 20.16 12.81 11.85
CA PRO D 6 20.80 11.53 12.18
C PRO D 6 19.81 10.38 12.08
N GLY D 7 18.55 10.64 11.73
CA GLY D 7 17.61 9.54 11.58
C GLY D 7 16.82 9.25 12.84
N VAL D 8 15.93 8.26 12.77
CA VAL D 8 15.21 7.82 13.96
C VAL D 8 16.19 7.10 14.88
N VAL D 9 16.40 7.60 16.10
CA VAL D 9 17.43 7.03 16.95
C VAL D 9 16.85 5.89 17.79
N ILE D 10 17.34 4.68 17.57
CA ILE D 10 16.90 3.52 18.33
CA ILE D 10 16.91 3.51 18.33
C ILE D 10 17.93 3.26 19.43
N SER D 11 17.48 3.28 20.67
CA SER D 11 18.46 3.28 21.74
C SER D 11 19.02 1.89 21.98
N ASP D 12 20.13 1.88 22.71
CA ASP D 12 20.90 0.67 22.99
C ASP D 12 20.04 -0.36 23.68
N ASP D 13 19.19 0.12 24.58
CA ASP D 13 18.35 -0.76 25.37
C ASP D 13 16.97 -1.04 24.77
N GLU D 14 16.78 -0.72 23.49
CA GLU D 14 15.51 -0.96 22.81
C GLU D 14 15.14 -2.44 22.99
N PRO D 15 13.95 -2.75 23.54
CA PRO D 15 13.57 -4.16 23.73
C PRO D 15 12.97 -4.81 22.48
N GLY D 16 12.51 -4.01 21.53
CA GLY D 16 11.74 -4.47 20.37
C GLY D 16 10.41 -5.03 20.83
N TYR D 17 9.78 -5.85 19.97
CA TYR D 17 8.44 -6.36 20.19
C TYR D 17 8.35 -7.88 20.13
N ASP D 18 7.47 -8.41 20.98
CA ASP D 18 7.13 -9.83 20.97
C ASP D 18 6.63 -10.18 19.57
N LEU D 19 7.11 -11.29 19.02
CA LEU D 19 6.73 -11.68 17.65
C LEU D 19 5.23 -11.92 17.54
N ASP D 20 4.60 -12.28 18.67
CA ASP D 20 3.18 -12.65 18.70
CA ASP D 20 3.18 -12.67 18.67
C ASP D 20 2.24 -11.45 18.51
N LEU D 21 2.80 -10.25 18.52
CA LEU D 21 2.01 -9.02 18.28
C LEU D 21 1.83 -8.71 16.77
N PHE D 22 2.59 -9.43 15.92
CA PHE D 22 2.70 -9.13 14.49
C PHE D 22 2.43 -10.35 13.62
N ALA D 23 2.22 -10.12 12.33
CA ALA D 23 2.14 -11.25 11.39
C ALA D 23 3.55 -11.54 10.94
N ILE D 24 4.01 -12.77 11.23
CA ILE D 24 5.39 -13.21 10.99
C ILE D 24 5.34 -14.45 10.10
N PRO D 25 6.22 -14.56 9.11
CA PRO D 25 6.32 -15.82 8.37
C PRO D 25 6.46 -17.07 9.26
N ASN D 26 5.63 -18.11 9.10
CA ASN D 26 5.76 -19.34 9.87
C ASN D 26 7.15 -19.93 9.89
N HIS D 27 7.83 -19.95 8.73
CA HIS D 27 9.11 -20.68 8.64
C HIS D 27 10.21 -19.97 9.46
N TYR D 28 9.96 -18.74 9.91
CA TYR D 28 10.89 -18.05 10.82
C TYR D 28 10.42 -17.91 12.30
N ALA D 29 9.35 -18.62 12.66
CA ALA D 29 8.73 -18.57 13.99
C ALA D 29 9.71 -18.70 15.15
N GLU D 30 10.63 -19.64 15.01
CA GLU D 30 11.56 -19.93 16.09
CA GLU D 30 11.57 -19.99 16.07
C GLU D 30 12.93 -19.33 15.88
N ASP D 31 13.12 -18.70 14.73
CA ASP D 31 14.41 -18.20 14.29
C ASP D 31 14.67 -16.74 14.66
N LEU D 32 13.64 -16.06 15.13
CA LEU D 32 13.76 -14.64 15.45
C LEU D 32 13.51 -14.46 16.93
N GLU D 33 14.16 -13.46 17.51
CA GLU D 33 13.91 -13.18 18.92
C GLU D 33 12.84 -12.13 19.15
N ARG D 34 12.98 -11.03 18.42
CA ARG D 34 12.14 -9.86 18.62
C ARG D 34 11.95 -9.18 17.28
N VAL D 35 10.80 -8.53 17.08
CA VAL D 35 10.73 -7.52 16.02
C VAL D 35 11.43 -6.27 16.52
N PHE D 36 12.24 -5.66 15.65
CA PHE D 36 13.09 -4.58 16.10
C PHE D 36 12.62 -3.26 15.51
N ILE D 37 12.38 -3.27 14.20
CA ILE D 37 11.79 -2.13 13.52
C ILE D 37 10.64 -2.62 12.66
N PRO D 38 9.40 -2.31 13.07
CA PRO D 38 8.24 -2.74 12.27
C PRO D 38 8.28 -2.21 10.84
N HIS D 39 7.88 -3.04 9.89
CA HIS D 39 7.79 -2.65 8.48
C HIS D 39 7.12 -1.28 8.29
N GLY D 40 6.02 -1.06 9.00
CA GLY D 40 5.21 0.14 8.80
C GLY D 40 6.02 1.36 9.19
N LEU D 41 6.78 1.24 10.27
CA LEU D 41 7.61 2.35 10.74
C LEU D 41 8.72 2.68 9.73
N ILE D 42 9.31 1.63 9.18
CA ILE D 42 10.23 1.81 8.05
C ILE D 42 9.60 2.58 6.88
N MET D 43 8.39 2.18 6.47
CA MET D 43 7.63 2.91 5.44
C MET D 43 7.41 4.38 5.83
N ASP D 44 6.95 4.65 7.05
CA ASP D 44 6.74 6.05 7.44
C ASP D 44 8.02 6.90 7.32
N ARG D 45 9.14 6.36 7.79
CA ARG D 45 10.43 7.06 7.79
C ARG D 45 10.90 7.25 6.36
N THR D 46 10.70 6.22 5.56
CA THR D 46 11.13 6.24 4.14
C THR D 46 10.32 7.30 3.34
N GLU D 47 9.04 7.43 3.64
CA GLU D 47 8.24 8.51 3.04
C GLU D 47 8.88 9.88 3.29
N ARG D 48 9.29 10.13 4.53
CA ARG D 48 9.92 11.42 4.82
C ARG D 48 11.30 11.57 4.14
N LEU D 49 12.10 10.50 4.13
CA LEU D 49 13.38 10.55 3.39
C LEU D 49 13.18 10.90 1.90
N ALA D 50 12.13 10.35 1.27
CA ALA D 50 11.87 10.64 -0.14
C ALA D 50 11.70 12.15 -0.32
N ARG D 51 10.95 12.78 0.60
CA ARG D 51 10.77 14.22 0.51
C ARG D 51 12.09 14.97 0.69
N ASP D 52 12.90 14.51 1.64
CA ASP D 52 14.23 15.13 1.88
C ASP D 52 15.12 14.98 0.66
N VAL D 53 15.10 13.78 0.06
CA VAL D 53 15.88 13.55 -1.15
C VAL D 53 15.44 14.49 -2.27
N MET D 54 14.14 14.64 -2.51
CA MET D 54 13.71 15.53 -3.62
C MET D 54 14.08 16.98 -3.34
N LYS D 55 14.02 17.36 -2.08
CA LYS D 55 14.40 18.72 -1.72
C LYS D 55 15.89 19.01 -2.02
N GLU D 56 16.76 18.07 -1.69
CA GLU D 56 18.20 18.27 -1.92
C GLU D 56 18.63 18.01 -3.37
N MET D 57 18.00 17.02 -4.01
CA MET D 57 18.52 16.50 -5.30
C MET D 57 17.58 16.69 -6.48
N GLY D 58 16.38 17.22 -6.22
CA GLY D 58 15.36 17.37 -7.24
C GLY D 58 15.60 18.40 -8.33
N GLY D 59 16.73 19.09 -8.30
CA GLY D 59 16.97 20.16 -9.24
C GLY D 59 17.61 19.66 -10.52
N HIS D 60 18.02 18.40 -10.56
CA HIS D 60 18.63 17.91 -11.78
C HIS D 60 18.42 16.41 -11.90
N HIS D 61 18.45 15.88 -13.12
CA HIS D 61 18.37 14.43 -13.36
C HIS D 61 19.08 13.61 -12.30
N ILE D 62 18.35 12.71 -11.66
CA ILE D 62 18.88 11.87 -10.59
C ILE D 62 19.16 10.47 -11.12
N VAL D 63 20.35 9.93 -10.83
CA VAL D 63 20.58 8.51 -11.07
C VAL D 63 20.56 7.79 -9.72
N ALA D 64 19.60 6.90 -9.55
CA ALA D 64 19.50 6.17 -8.29
C ALA D 64 20.21 4.82 -8.44
N LEU D 65 21.23 4.62 -7.60
CA LEU D 65 22.06 3.44 -7.66
CA LEU D 65 22.07 3.41 -7.65
C LEU D 65 21.80 2.51 -6.46
N CYS D 66 21.27 1.34 -6.76
CA CYS D 66 20.92 0.40 -5.74
C CYS D 66 22.09 -0.53 -5.43
N VAL D 67 22.54 -0.55 -4.16
CA VAL D 67 23.59 -1.51 -3.78
C VAL D 67 22.98 -2.87 -3.40
N LEU D 68 23.12 -3.85 -4.27
CA LEU D 68 22.55 -5.18 -4.09
C LEU D 68 23.41 -5.99 -3.12
N LYS D 69 22.86 -7.03 -2.47
CA LYS D 69 21.43 -7.38 -2.57
C LYS D 69 20.60 -6.65 -1.53
N GLY D 70 21.20 -6.39 -0.36
CA GLY D 70 20.41 -5.91 0.77
C GLY D 70 19.75 -4.53 0.60
N GLY D 71 20.24 -3.71 -0.31
CA GLY D 71 19.56 -2.46 -0.58
C GLY D 71 18.23 -2.53 -1.34
N TYR D 72 17.84 -3.71 -1.84
CA TYR D 72 16.82 -3.75 -2.91
C TYR D 72 15.45 -3.32 -2.39
N LYS D 73 15.09 -3.67 -1.16
CA LYS D 73 13.77 -3.34 -0.65
C LYS D 73 13.67 -1.83 -0.35
N PHE D 74 14.69 -1.32 0.33
CA PHE D 74 14.75 0.08 0.66
C PHE D 74 14.72 0.94 -0.61
N PHE D 75 15.50 0.48 -1.59
CA PHE D 75 15.58 1.13 -2.91
C PHE D 75 14.19 1.18 -3.57
N ALA D 76 13.51 0.03 -3.63
CA ALA D 76 12.23 -0.02 -4.31
C ALA D 76 11.20 0.91 -3.64
N ASP D 77 11.13 0.85 -2.30
CA ASP D 77 10.16 1.64 -1.52
C ASP D 77 10.50 3.12 -1.54
N LEU D 78 11.80 3.45 -1.37
CA LEU D 78 12.24 4.84 -1.45
C LEU D 78 11.86 5.43 -2.81
N LEU D 79 12.20 4.73 -3.88
CA LEU D 79 11.86 5.21 -5.23
C LEU D 79 10.34 5.29 -5.46
N ASP D 80 9.54 4.36 -4.91
CA ASP D 80 8.08 4.46 -5.04
C ASP D 80 7.55 5.77 -4.41
N TYR D 81 8.12 6.14 -3.25
CA TYR D 81 7.71 7.40 -2.58
C TYR D 81 8.18 8.62 -3.34
N ILE D 82 9.38 8.51 -3.92
CA ILE D 82 9.84 9.60 -4.78
C ILE D 82 8.95 9.75 -6.03
N LYS D 83 8.57 8.63 -6.65
CA LYS D 83 7.65 8.68 -7.79
C LYS D 83 6.27 9.28 -7.43
N ALA D 84 5.79 8.96 -6.22
CA ALA D 84 4.51 9.50 -5.73
C ALA D 84 4.58 11.02 -5.65
N LEU D 85 5.69 11.53 -5.11
CA LEU D 85 5.94 12.96 -5.12
C LEU D 85 5.98 13.57 -6.50
N ASN D 86 6.68 12.92 -7.42
CA ASN D 86 6.89 13.47 -8.76
C ASN D 86 5.65 13.44 -9.62
N ARG D 87 4.64 12.64 -9.26
CA ARG D 87 3.40 12.70 -10.06
C ARG D 87 2.31 13.47 -9.35
N ASN D 88 2.63 14.05 -8.20
CA ASN D 88 1.62 14.85 -7.56
C ASN D 88 2.00 16.30 -7.31
N SER D 89 3.15 16.70 -7.85
CA SER D 89 3.76 18.01 -7.62
CA SER D 89 3.69 18.05 -7.62
C SER D 89 3.74 18.92 -8.88
N ASP D 90 4.12 20.18 -8.68
CA ASP D 90 4.26 21.14 -9.78
C ASP D 90 5.44 20.73 -10.64
N ARG D 91 6.61 20.58 -10.05
CA ARG D 91 7.86 20.21 -10.71
CA ARG D 91 7.59 20.01 -10.96
C ARG D 91 8.27 18.77 -10.41
N SER D 92 9.04 18.20 -11.31
CA SER D 92 9.50 16.85 -11.18
C SER D 92 10.77 16.83 -12.00
N ILE D 93 11.50 15.73 -11.89
CA ILE D 93 12.72 15.57 -12.68
CA ILE D 93 12.76 15.56 -12.60
C ILE D 93 12.86 14.11 -13.05
N PRO D 94 13.48 13.85 -14.20
CA PRO D 94 13.65 12.44 -14.56
C PRO D 94 14.61 11.74 -13.60
N MET D 95 14.38 10.44 -13.44
CA MET D 95 15.22 9.57 -12.65
C MET D 95 15.47 8.32 -13.46
N THR D 96 16.74 7.92 -13.52
CA THR D 96 17.11 6.63 -14.08
C THR D 96 17.67 5.76 -12.94
N VAL D 97 17.75 4.45 -13.17
CA VAL D 97 18.21 3.57 -12.11
C VAL D 97 19.29 2.61 -12.57
N ASP D 98 20.11 2.20 -11.62
CA ASP D 98 21.11 1.19 -11.90
C ASP D 98 21.36 0.40 -10.62
N PHE D 99 22.07 -0.70 -10.76
CA PHE D 99 22.22 -1.69 -9.72
C PHE D 99 23.66 -2.14 -9.70
N ILE D 100 24.28 -2.12 -8.53
CA ILE D 100 25.62 -2.66 -8.44
C ILE D 100 25.67 -3.62 -7.28
N ARG D 101 26.60 -4.56 -7.35
CA ARG D 101 26.80 -5.45 -6.25
C ARG D 101 28.28 -5.45 -5.93
N LEU D 102 28.63 -5.58 -4.66
CA LEU D 102 30.03 -5.44 -4.29
C LEU D 102 30.63 -6.78 -3.88
N LYS D 103 31.84 -7.04 -4.39
CA LYS D 103 32.65 -8.17 -3.95
C LYS D 103 33.94 -7.65 -3.28
N ILE D 114 37.09 -3.70 -2.21
CA ILE D 114 35.82 -3.93 -2.90
C ILE D 114 35.95 -3.89 -4.45
N LYS D 115 35.29 -4.84 -5.12
CA LYS D 115 35.15 -4.87 -6.58
C LYS D 115 33.67 -4.65 -6.99
N VAL D 116 33.41 -3.67 -7.87
CA VAL D 116 32.03 -3.37 -8.33
C VAL D 116 31.53 -4.34 -9.43
N ILE D 117 30.42 -5.03 -9.18
CA ILE D 117 29.89 -6.03 -10.12
CA ILE D 117 29.94 -5.98 -10.19
C ILE D 117 28.60 -5.51 -10.77
N GLY D 118 28.40 -5.84 -12.05
CA GLY D 118 27.23 -5.38 -12.78
C GLY D 118 27.25 -3.86 -12.86
N GLY D 119 26.08 -3.24 -13.03
CA GLY D 119 26.04 -1.80 -13.22
C GLY D 119 26.32 -1.38 -14.67
N ASP D 120 25.85 -0.19 -15.03
CA ASP D 120 26.17 0.46 -16.30
C ASP D 120 27.61 0.95 -16.23
N ASP D 121 28.17 1.31 -17.38
CA ASP D 121 29.44 2.03 -17.41
C ASP D 121 29.28 3.22 -16.47
N LEU D 122 30.26 3.46 -15.59
CA LEU D 122 30.09 4.50 -14.58
C LEU D 122 30.23 5.90 -15.18
N SER D 123 30.61 5.97 -16.47
CA SER D 123 30.58 7.21 -17.25
C SER D 123 29.15 7.78 -17.37
N THR D 124 28.14 6.93 -17.17
CA THR D 124 26.73 7.36 -17.21
C THR D 124 26.35 8.20 -15.97
N LEU D 125 27.23 8.24 -15.00
CA LEU D 125 26.98 9.05 -13.82
C LEU D 125 27.42 10.49 -14.02
N THR D 126 28.21 10.75 -15.07
CA THR D 126 28.82 12.06 -15.29
C THR D 126 27.78 13.18 -15.42
N GLY D 127 27.88 14.18 -14.56
CA GLY D 127 27.01 15.34 -14.65
C GLY D 127 25.60 15.10 -14.11
N LYS D 128 25.39 13.93 -13.51
CA LYS D 128 24.10 13.60 -12.91
C LYS D 128 24.13 13.76 -11.40
N ASN D 129 22.94 13.85 -10.83
CA ASN D 129 22.79 13.80 -9.38
C ASN D 129 22.67 12.36 -8.97
N VAL D 130 23.68 11.83 -8.32
CA VAL D 130 23.72 10.40 -8.04
C VAL D 130 23.36 10.12 -6.59
N LEU D 131 22.37 9.26 -6.43
CA LEU D 131 21.89 8.83 -5.13
C LEU D 131 22.23 7.38 -4.94
N ILE D 132 23.16 7.09 -4.05
CA ILE D 132 23.51 5.72 -3.71
C ILE D 132 22.59 5.23 -2.57
N VAL D 133 21.99 4.10 -2.77
CA VAL D 133 21.06 3.55 -1.80
C VAL D 133 21.54 2.23 -1.18
N GLU D 134 21.68 2.23 0.15
CA GLU D 134 22.29 1.16 0.92
C GLU D 134 21.34 0.67 2.04
N ASP D 135 21.48 -0.59 2.45
CA ASP D 135 20.70 -1.12 3.57
C ASP D 135 21.33 -0.65 4.89
N ILE D 136 22.65 -0.74 5.02
CA ILE D 136 23.26 -0.41 6.30
C ILE D 136 24.70 0.10 6.17
N ILE D 137 25.05 1.08 6.99
CA ILE D 137 26.42 1.50 7.22
C ILE D 137 26.86 0.97 8.59
N ASP D 138 27.96 0.23 8.65
CA ASP D 138 28.49 -0.25 9.91
C ASP D 138 29.83 0.43 10.10
N THR D 139 30.90 -0.14 9.55
CA THR D 139 32.20 0.55 9.63
C THR D 139 32.28 1.76 8.69
N GLY D 140 31.47 1.76 7.64
CA GLY D 140 31.45 2.79 6.61
C GLY D 140 32.53 2.64 5.56
N LYS D 141 33.33 1.57 5.65
CA LYS D 141 34.43 1.39 4.74
C LYS D 141 33.93 1.16 3.31
N THR D 142 32.82 0.46 3.19
CA THR D 142 32.24 0.17 1.90
C THR D 142 31.79 1.43 1.18
N MET D 143 31.11 2.30 1.90
CA MET D 143 30.62 3.54 1.31
C MET D 143 31.78 4.45 0.89
N GLN D 144 32.81 4.53 1.74
CA GLN D 144 33.93 5.41 1.48
C GLN D 144 34.65 4.96 0.23
N THR D 145 34.83 3.65 0.08
CA THR D 145 35.51 3.16 -1.11
C THR D 145 34.57 3.40 -2.30
N LEU D 146 33.27 3.21 -2.12
CA LEU D 146 32.35 3.37 -3.24
C LEU D 146 32.20 4.83 -3.72
N LEU D 147 32.11 5.76 -2.77
CA LEU D 147 32.15 7.18 -3.07
C LEU D 147 33.42 7.57 -3.87
N SER D 148 34.56 7.08 -3.41
CA SER D 148 35.87 7.44 -3.96
C SER D 148 35.97 7.02 -5.40
N LEU D 149 35.30 5.92 -5.70
CA LEU D 149 35.16 5.43 -7.05
C LEU D 149 34.28 6.38 -7.88
N VAL D 150 33.00 6.46 -7.49
CA VAL D 150 31.98 7.25 -8.19
C VAL D 150 32.43 8.69 -8.55
N ARG D 151 33.14 9.36 -7.63
CA ARG D 151 33.55 10.76 -7.83
CA ARG D 151 33.52 10.75 -7.85
C ARG D 151 34.48 10.93 -9.01
N GLN D 152 35.13 9.85 -9.41
CA GLN D 152 36.07 9.90 -10.51
C GLN D 152 35.34 10.07 -11.82
N TYR D 153 34.00 9.98 -11.78
CA TYR D 153 33.26 10.11 -13.02
C TYR D 153 32.57 11.45 -13.10
N ASN D 154 32.93 12.29 -12.15
CA ASN D 154 32.50 13.67 -12.11
C ASN D 154 30.97 13.81 -12.19
N PRO D 155 30.27 13.23 -11.20
CA PRO D 155 28.84 13.49 -11.10
C PRO D 155 28.62 14.95 -10.74
N LYS D 156 27.44 15.48 -11.03
CA LYS D 156 27.11 16.81 -10.58
C LYS D 156 27.00 16.82 -9.03
N MET D 157 26.52 15.73 -8.44
CA MET D 157 26.59 15.52 -6.99
C MET D 157 26.46 14.02 -6.67
N VAL D 158 26.97 13.60 -5.52
CA VAL D 158 26.78 12.25 -5.04
C VAL D 158 26.32 12.31 -3.59
N LYS D 159 25.20 11.66 -3.30
CA LYS D 159 24.70 11.53 -1.95
C LYS D 159 24.39 10.06 -1.64
N VAL D 160 24.36 9.74 -0.37
CA VAL D 160 24.11 8.38 0.09
C VAL D 160 22.89 8.35 1.06
N ALA D 161 21.92 7.51 0.73
CA ALA D 161 20.79 7.18 1.60
C ALA D 161 21.01 5.76 2.14
N SER D 162 20.97 5.60 3.46
CA SER D 162 21.13 4.29 4.05
C SER D 162 19.98 4.06 4.99
N LEU D 163 19.33 2.91 4.88
CA LEU D 163 18.20 2.64 5.79
C LEU D 163 18.66 2.68 7.25
N LEU D 164 19.79 2.01 7.50
CA LEU D 164 20.32 1.82 8.85
C LEU D 164 21.75 2.38 8.96
N VAL D 165 22.06 2.99 10.11
CA VAL D 165 23.42 3.33 10.45
C VAL D 165 23.70 2.76 11.86
N LYS D 166 24.75 1.97 12.03
CA LYS D 166 25.07 1.43 13.32
C LYS D 166 25.96 2.32 14.16
N ARG D 167 25.65 2.38 15.46
CA ARG D 167 26.56 3.00 16.41
C ARG D 167 27.55 1.94 16.81
N THR D 168 28.78 2.10 16.40
CA THR D 168 29.74 1.03 16.60
C THR D 168 31.12 1.60 16.80
N PRO D 169 31.94 0.97 17.66
CA PRO D 169 33.26 1.56 17.93
C PRO D 169 34.19 1.27 16.75
N ARG D 170 33.70 0.48 15.80
CA ARG D 170 34.45 0.18 14.60
C ARG D 170 34.17 1.19 13.51
N SER D 171 33.30 2.15 13.79
CA SER D 171 33.01 3.14 12.78
C SER D 171 34.13 4.14 12.73
N VAL D 172 34.23 4.71 11.55
CA VAL D 172 35.32 5.53 11.06
C VAL D 172 34.96 7.02 11.03
N GLY D 173 33.70 7.32 11.32
CA GLY D 173 33.26 8.69 11.18
C GLY D 173 32.44 8.97 9.95
N TYR D 174 32.39 8.02 8.99
CA TYR D 174 31.60 8.26 7.78
C TYR D 174 30.12 8.39 8.13
N LYS D 175 29.45 9.43 7.62
CA LYS D 175 28.00 9.56 7.85
C LYS D 175 27.30 9.74 6.51
N PRO D 176 26.24 8.98 6.27
CA PRO D 176 25.54 9.18 5.00
C PRO D 176 24.71 10.47 5.05
N ASP D 177 24.15 10.87 3.91
CA ASP D 177 23.39 12.10 3.77
C ASP D 177 21.93 11.95 4.25
N PHE D 178 21.36 10.79 4.01
CA PHE D 178 19.98 10.47 4.42
C PHE D 178 20.02 9.18 5.23
N VAL D 179 19.45 9.18 6.45
CA VAL D 179 19.50 7.97 7.30
C VAL D 179 18.10 7.64 7.75
N GLY D 180 17.66 6.39 7.59
CA GLY D 180 16.40 5.92 8.16
C GLY D 180 16.49 5.86 9.67
N PHE D 181 17.35 4.97 10.16
CA PHE D 181 17.43 4.64 11.61
C PHE D 181 18.85 4.51 12.07
N GLU D 182 19.18 5.07 13.24
CA GLU D 182 20.48 4.88 13.82
C GLU D 182 20.30 3.81 14.90
N ILE D 183 21.00 2.68 14.77
CA ILE D 183 20.70 1.51 15.60
C ILE D 183 21.90 1.13 16.45
N PRO D 184 21.64 0.38 17.53
CA PRO D 184 22.76 -0.08 18.31
C PRO D 184 23.59 -1.12 17.56
N ASP D 185 24.68 -1.52 18.20
CA ASP D 185 25.58 -2.48 17.58
C ASP D 185 25.02 -3.92 17.73
N LYS D 186 23.93 -4.24 17.03
CA LYS D 186 23.36 -5.60 17.04
C LYS D 186 23.19 -6.10 15.63
N PHE D 187 23.20 -7.40 15.44
CA PHE D 187 23.02 -7.94 14.11
C PHE D 187 21.53 -8.07 13.85
N VAL D 188 21.05 -7.40 12.80
CA VAL D 188 19.64 -7.40 12.49
C VAL D 188 19.43 -8.03 11.12
N VAL D 189 18.23 -8.51 10.86
CA VAL D 189 17.90 -9.15 9.57
C VAL D 189 16.50 -8.68 9.19
N GLY D 190 16.07 -9.01 7.97
CA GLY D 190 14.74 -8.63 7.50
C GLY D 190 14.79 -7.39 6.61
N TYR D 191 13.67 -7.11 5.92
CA TYR D 191 13.61 -5.98 4.98
C TYR D 191 14.83 -6.05 4.02
N ALA D 192 15.10 -7.27 3.55
CA ALA D 192 16.18 -7.62 2.59
C ALA D 192 17.59 -7.81 3.21
N LEU D 193 17.76 -7.41 4.47
CA LEU D 193 18.99 -7.70 5.22
C LEU D 193 19.03 -9.19 5.60
N ASP D 194 20.12 -9.86 5.26
CA ASP D 194 20.16 -11.32 5.41
C ASP D 194 21.11 -11.85 6.46
N TYR D 195 20.89 -13.10 6.77
CA TYR D 195 21.91 -13.91 7.45
C TYR D 195 22.15 -15.12 6.57
N ASN D 196 23.32 -15.22 5.94
CA ASN D 196 23.61 -16.32 5.01
C ASN D 196 22.49 -16.53 3.98
N GLU D 197 21.98 -15.40 3.49
CA GLU D 197 21.01 -15.31 2.40
C GLU D 197 19.57 -15.51 2.91
N TYR D 198 19.40 -15.93 4.17
CA TYR D 198 18.06 -16.05 4.74
C TYR D 198 17.56 -14.76 5.33
N PHE D 199 16.27 -14.73 5.60
CA PHE D 199 15.58 -13.57 6.19
C PHE D 199 15.45 -12.38 5.28
N ARG D 200 15.80 -12.48 4.00
CA ARG D 200 15.50 -11.34 3.11
C ARG D 200 13.96 -11.27 2.88
N ASP D 201 13.31 -12.43 2.91
CA ASP D 201 11.84 -12.58 2.69
C ASP D 201 11.02 -12.34 4.00
N LEU D 202 11.23 -11.17 4.59
CA LEU D 202 10.67 -10.75 5.90
C LEU D 202 10.50 -9.26 5.80
N ASN D 203 9.32 -8.72 6.08
CA ASN D 203 9.04 -7.29 5.91
CA ASN D 203 9.26 -7.28 5.81
C ASN D 203 9.62 -6.46 7.07
N HIS D 204 9.62 -7.03 8.27
CA HIS D 204 10.11 -6.27 9.45
C HIS D 204 11.63 -6.39 9.61
N VAL D 205 12.28 -5.45 10.30
CA VAL D 205 13.64 -5.68 10.72
C VAL D 205 13.56 -6.34 12.13
N ALA D 206 14.36 -7.40 12.33
CA ALA D 206 14.26 -8.23 13.53
C ALA D 206 15.61 -8.65 14.01
N VAL D 207 15.63 -9.22 15.20
CA VAL D 207 16.82 -9.78 15.74
C VAL D 207 16.70 -11.30 15.72
N ILE D 208 17.76 -12.01 15.30
CA ILE D 208 17.82 -13.49 15.23
CA ILE D 208 17.75 -13.47 15.21
C ILE D 208 17.91 -14.18 16.59
N SER D 209 17.23 -15.31 16.77
CA SER D 209 17.38 -16.11 18.00
C SER D 209 18.65 -16.93 17.89
N GLU D 210 19.14 -17.45 19.03
CA GLU D 210 20.31 -18.32 18.92
CA GLU D 210 20.21 -18.47 19.10
C GLU D 210 19.98 -19.58 18.11
N THR D 211 18.75 -20.11 18.20
CA THR D 211 18.39 -21.28 17.38
C THR D 211 18.30 -20.91 15.88
N GLY D 212 17.84 -19.70 15.56
CA GLY D 212 17.88 -19.28 14.16
C GLY D 212 19.30 -19.13 13.61
N LYS D 213 20.19 -18.56 14.43
CA LYS D 213 21.60 -18.44 14.08
C LYS D 213 22.24 -19.79 13.82
N ALA D 214 21.88 -20.77 14.65
CA ALA D 214 22.41 -22.11 14.53
C ALA D 214 21.82 -22.83 13.30
N LYS D 215 20.50 -22.68 13.09
CA LYS D 215 19.84 -23.29 11.95
C LYS D 215 20.42 -22.85 10.61
N TYR D 216 20.67 -21.56 10.43
CA TYR D 216 21.07 -21.11 9.11
C TYR D 216 22.58 -20.86 8.99
N LYS D 217 23.35 -21.24 10.00
CA LYS D 217 24.81 -21.09 9.93
C LYS D 217 25.42 -21.79 8.74
N ALA D 218 26.33 -21.08 8.07
CA ALA D 218 27.05 -21.63 6.91
C ALA D 218 27.87 -22.89 7.26
#